data_4LO3
#
_entry.id   4LO3
#
_cell.length_a   107.216
_cell.length_b   118.803
_cell.length_c   162.536
_cell.angle_alpha   90.00
_cell.angle_beta   90.00
_cell.angle_gamma   90.00
#
_symmetry.space_group_name_H-M   'C 2 2 21'
#
loop_
_entity.id
_entity.type
_entity.pdbx_description
1 polymer HA-33
2 polymer HA-17
3 branched beta-D-galactopyranose-(1-4)-2-acetamido-2-deoxy-alpha-D-glucopyranose
4 water water
#
loop_
_entity_poly.entity_id
_entity_poly.type
_entity_poly.pdbx_seq_one_letter_code
_entity_poly.pdbx_strand_id
1 'polypeptide(L)'
;EHYSVIQNSLNDKIVTISCKADTNLFFYQVAGNVSLFQQTRNYLERWRLIYDSNKAAYKIKSMDIHNTNLVLTWNAPTHN
ISTQQDSNADNQYWLLLKDIGNNSFIIASYKNPNLVLYADTVARNLKLSTLNNSNYIKFIIEDYIISDLNNFTCKISPIL
DLNKVVQQVDVTNLNVNLYTWDYGRNQKWTIRYNEEKAAYQFFNTILSNGVLTWIFSNGNTVRVSSSNDQNNDAQYWLIN
PVSDTDETYTITNLRDTTKALDLYGGQTANGTAIQVFNYHGDDNQKWNIRNPPGSA
;
A,B
2 'polypeptide(L)'
;GPSVERTFLPNGNYNIKSIFSGSLYLNPVSKSLTFSNESSANNQKWNVEYMAENRCFKISNVAEPNKYLSYDNFGFISLD
SLSNRCYWFPIKIAVNTYIMLSLNKVNELDYAWDIYDTNENILSQPLLLLPNFDIYNSNQMFKLEKI
;
C
#
# COMPACT_ATOMS: atom_id res chain seq x y z
N ASN A 8 -6.15 -4.94 -10.32
CA ASN A 8 -7.28 -4.22 -10.92
C ASN A 8 -7.01 -2.72 -11.08
N SER A 9 -6.71 -2.05 -9.97
CA SER A 9 -6.51 -0.59 -9.96
C SER A 9 -5.28 -0.12 -10.73
N LEU A 10 -4.31 -1.01 -10.92
CA LEU A 10 -3.10 -0.67 -11.66
C LEU A 10 -3.02 -1.39 -13.00
N ASN A 11 -3.83 -2.43 -13.17
CA ASN A 11 -3.80 -3.22 -14.41
C ASN A 11 -4.04 -2.34 -15.65
N ASP A 12 -3.20 -2.52 -16.66
CA ASP A 12 -3.26 -1.79 -17.91
C ASP A 12 -2.87 -0.32 -17.82
N LYS A 13 -2.55 0.15 -16.63
CA LYS A 13 -2.15 1.54 -16.47
C LYS A 13 -0.76 1.81 -17.03
N ILE A 14 -0.62 2.95 -17.68
CA ILE A 14 0.66 3.37 -18.23
C ILE A 14 1.26 4.38 -17.27
N VAL A 15 2.48 4.11 -16.80
CA VAL A 15 3.06 4.89 -15.72
C VAL A 15 4.48 5.28 -16.07
N THR A 16 5.00 6.27 -15.34
CA THR A 16 6.46 6.44 -15.22
C THR A 16 6.87 5.90 -13.85
N ILE A 17 8.14 5.54 -13.74
CA ILE A 17 8.69 5.07 -12.47
C ILE A 17 9.96 5.84 -12.16
N SER A 18 9.96 6.59 -11.06
CA SER A 18 11.14 7.34 -10.66
C SER A 18 11.64 6.92 -9.28
N CYS A 19 12.82 7.39 -8.92
CA CYS A 19 13.49 6.92 -7.72
C CYS A 19 13.16 7.78 -6.51
N LYS A 20 12.76 7.14 -5.42
CA LYS A 20 12.58 7.90 -4.19
C LYS A 20 13.93 8.51 -3.78
N ALA A 21 15.03 7.84 -4.13
CA ALA A 21 16.35 8.33 -3.74
C ALA A 21 16.74 9.57 -4.53
N ASP A 22 16.28 9.64 -5.77
CA ASP A 22 16.54 10.79 -6.65
C ASP A 22 15.35 10.96 -7.57
N THR A 23 14.44 11.87 -7.21
CA THR A 23 13.17 11.98 -7.90
C THR A 23 13.34 12.51 -9.30
N ASN A 24 14.54 12.97 -9.63
CA ASN A 24 14.79 13.41 -11.00
C ASN A 24 15.26 12.27 -11.92
N LEU A 25 15.30 11.04 -11.41
CA LEU A 25 15.71 9.89 -12.25
C LEU A 25 14.58 8.89 -12.48
N PHE A 26 14.36 8.56 -13.75
CA PHE A 26 13.22 7.76 -14.20
C PHE A 26 13.70 6.47 -14.86
N PHE A 27 12.92 5.39 -14.77
CA PHE A 27 13.28 4.17 -15.50
C PHE A 27 13.20 4.48 -17.00
N TYR A 28 14.26 4.18 -17.72
CA TYR A 28 14.38 4.59 -19.10
C TYR A 28 14.79 3.37 -19.94
N GLN A 29 14.10 3.16 -21.06
CA GLN A 29 14.31 1.96 -21.84
C GLN A 29 14.74 2.28 -23.27
N VAL A 30 15.78 1.60 -23.72
CA VAL A 30 16.09 1.55 -25.15
C VAL A 30 16.87 0.27 -25.51
N ALA A 31 16.35 -0.44 -26.53
CA ALA A 31 16.97 -1.64 -27.11
C ALA A 31 17.39 -2.71 -26.11
N GLY A 32 16.61 -2.90 -25.06
CA GLY A 32 16.81 -4.01 -24.16
C GLY A 32 17.62 -3.60 -22.96
N ASN A 33 17.96 -2.32 -22.92
CA ASN A 33 18.71 -1.81 -21.80
C ASN A 33 17.84 -0.88 -20.96
N VAL A 34 17.87 -1.09 -19.66
CA VAL A 34 17.15 -0.23 -18.73
C VAL A 34 18.17 0.58 -17.96
N SER A 35 17.93 1.87 -17.87
CA SER A 35 18.81 2.73 -17.11
C SER A 35 17.99 3.78 -16.37
N LEU A 36 18.67 4.62 -15.61
CA LEU A 36 18.02 5.71 -14.88
C LEU A 36 18.38 7.01 -15.57
N PHE A 37 17.39 7.81 -15.93
CA PHE A 37 17.65 9.01 -16.73
C PHE A 37 16.69 10.14 -16.34
N GLN A 38 17.13 11.38 -16.57
CA GLN A 38 16.30 12.56 -16.33
C GLN A 38 14.96 12.44 -17.09
N GLN A 39 13.97 13.23 -16.66
CA GLN A 39 12.63 13.21 -17.25
C GLN A 39 12.66 13.54 -18.74
N THR A 40 12.02 12.70 -19.55
CA THR A 40 11.93 12.96 -20.99
C THR A 40 10.51 13.25 -21.46
N ARG A 41 9.53 12.91 -20.62
CA ARG A 41 8.12 13.08 -20.98
C ARG A 41 7.81 12.42 -22.32
N ASN A 42 8.29 11.20 -22.52
CA ASN A 42 7.96 10.46 -23.74
C ASN A 42 7.98 8.96 -23.49
N TYR A 43 7.74 8.19 -24.55
CA TYR A 43 7.49 6.76 -24.41
C TYR A 43 8.70 5.99 -23.87
N LEU A 44 9.88 6.59 -23.96
CA LEU A 44 11.10 5.96 -23.48
C LEU A 44 11.05 5.74 -21.96
N GLU A 45 10.22 6.53 -21.28
CA GLU A 45 10.06 6.40 -19.83
C GLU A 45 8.67 5.97 -19.40
N ARG A 46 7.94 5.34 -20.32
CA ARG A 46 6.59 4.90 -20.00
C ARG A 46 6.52 3.37 -20.00
N TRP A 47 5.67 2.85 -19.10
CA TRP A 47 5.59 1.42 -18.87
C TRP A 47 4.15 1.08 -18.61
N ARG A 48 3.69 -0.04 -19.17
CA ARG A 48 2.35 -0.50 -18.88
C ARG A 48 2.42 -1.60 -17.82
N LEU A 49 1.60 -1.47 -16.78
CA LEU A 49 1.52 -2.51 -15.75
C LEU A 49 0.48 -3.54 -16.16
N ILE A 50 0.89 -4.80 -16.22
CA ILE A 50 0.00 -5.87 -16.67
C ILE A 50 -0.18 -6.89 -15.56
N TYR A 51 -1.38 -6.95 -14.99
CA TYR A 51 -1.69 -7.80 -13.84
C TYR A 51 -2.00 -9.23 -14.26
N ASP A 52 -1.44 -10.18 -13.53
CA ASP A 52 -1.88 -11.57 -13.58
C ASP A 52 -2.54 -11.87 -12.23
N SER A 53 -3.86 -12.12 -12.24
CA SER A 53 -4.59 -12.35 -11.00
C SER A 53 -4.15 -13.61 -10.27
N ASN A 54 -3.76 -14.62 -11.03
CA ASN A 54 -3.32 -15.90 -10.47
C ASN A 54 -2.03 -15.76 -9.70
N LYS A 55 -1.09 -15.01 -10.26
CA LYS A 55 0.21 -14.83 -9.64
C LYS A 55 0.14 -13.68 -8.66
N ALA A 56 -0.90 -12.85 -8.82
CA ALA A 56 -1.02 -11.60 -8.05
C ALA A 56 0.26 -10.78 -8.20
N ALA A 57 0.69 -10.63 -9.45
CA ALA A 57 1.94 -9.97 -9.76
C ALA A 57 1.80 -9.27 -11.10
N TYR A 58 2.78 -8.42 -11.44
CA TYR A 58 2.64 -7.56 -12.60
C TYR A 58 3.81 -7.74 -13.55
N LYS A 59 3.55 -7.67 -14.85
CA LYS A 59 4.63 -7.43 -15.81
C LYS A 59 4.79 -5.93 -15.99
N ILE A 60 6.02 -5.51 -16.25
CA ILE A 60 6.28 -4.10 -16.46
C ILE A 60 6.79 -3.91 -17.89
N LYS A 61 5.85 -3.57 -18.77
CA LYS A 61 6.10 -3.57 -20.21
C LYS A 61 6.49 -2.20 -20.75
N SER A 62 7.61 -2.13 -21.47
CA SER A 62 8.03 -0.87 -22.07
C SER A 62 7.10 -0.43 -23.20
N MET A 63 6.79 0.85 -23.23
CA MET A 63 5.99 1.43 -24.30
C MET A 63 6.85 1.81 -25.49
N ASP A 64 8.00 1.17 -25.64
CA ASP A 64 8.85 1.42 -26.78
C ASP A 64 8.05 1.27 -28.08
N ILE A 65 8.26 2.18 -29.02
CA ILE A 65 7.43 2.19 -30.22
C ILE A 65 7.95 1.25 -31.32
N HIS A 66 9.21 0.85 -31.24
CA HIS A 66 9.81 -0.04 -32.23
C HIS A 66 9.76 -1.51 -31.80
N ASN A 67 10.26 -1.80 -30.61
CA ASN A 67 10.10 -3.13 -30.01
C ASN A 67 8.94 -3.09 -29.03
N THR A 68 7.84 -3.73 -29.40
CA THR A 68 6.58 -3.56 -28.70
C THR A 68 6.27 -4.67 -27.71
N ASN A 69 7.20 -5.60 -27.51
CA ASN A 69 6.96 -6.70 -26.57
C ASN A 69 8.04 -6.87 -25.49
N LEU A 70 8.68 -5.77 -25.11
CA LEU A 70 9.77 -5.80 -24.12
C LEU A 70 9.25 -5.56 -22.70
N VAL A 71 9.67 -6.42 -21.77
CA VAL A 71 9.26 -6.33 -20.37
C VAL A 71 10.44 -6.39 -19.39
N LEU A 72 10.30 -5.70 -18.27
CA LEU A 72 11.34 -5.68 -17.25
C LEU A 72 11.69 -7.12 -16.84
N THR A 73 12.97 -7.45 -16.93
CA THR A 73 13.39 -8.84 -16.74
C THR A 73 14.57 -8.92 -15.81
N TRP A 74 14.48 -9.81 -14.82
CA TRP A 74 15.60 -10.09 -13.95
C TRP A 74 16.48 -11.17 -14.60
N ASN A 75 17.75 -10.85 -14.83
CA ASN A 75 18.67 -11.79 -15.47
C ASN A 75 19.31 -12.75 -14.46
N ALA A 76 18.46 -13.55 -13.82
CA ALA A 76 18.94 -14.60 -12.92
C ALA A 76 19.97 -15.46 -13.69
N PRO A 77 21.03 -15.92 -13.00
CA PRO A 77 21.30 -15.78 -11.56
C PRO A 77 22.09 -14.52 -11.17
N THR A 78 22.34 -13.59 -12.09
CA THR A 78 23.02 -12.36 -11.71
C THR A 78 22.04 -11.44 -11.00
N HIS A 79 22.51 -10.27 -10.58
CA HIS A 79 21.58 -9.30 -10.00
C HIS A 79 21.16 -8.24 -11.02
N ASN A 80 21.46 -8.48 -12.30
CA ASN A 80 21.18 -7.50 -13.35
C ASN A 80 19.73 -7.47 -13.84
N ILE A 81 19.34 -6.31 -14.35
CA ILE A 81 18.01 -6.09 -14.87
C ILE A 81 18.14 -5.71 -16.35
N SER A 82 17.20 -6.14 -17.18
CA SER A 82 17.15 -5.73 -18.56
C SER A 82 15.70 -5.76 -19.02
N THR A 83 15.47 -5.45 -20.30
CA THR A 83 14.17 -5.69 -20.92
C THR A 83 14.35 -6.75 -21.99
N GLN A 84 13.53 -7.77 -21.94
CA GLN A 84 13.62 -8.89 -22.87
C GLN A 84 12.22 -9.13 -23.43
N GLN A 85 12.15 -9.82 -24.57
CA GLN A 85 10.87 -10.22 -25.16
C GLN A 85 10.02 -10.90 -24.10
N ASP A 86 8.74 -10.58 -24.07
CA ASP A 86 7.80 -11.12 -23.08
C ASP A 86 7.45 -12.58 -23.38
N SER A 87 7.80 -13.46 -22.44
CA SER A 87 7.48 -14.87 -22.57
C SER A 87 6.68 -15.31 -21.34
N ASN A 88 6.17 -14.32 -20.60
CA ASN A 88 5.37 -14.57 -19.39
C ASN A 88 6.13 -15.37 -18.33
N ALA A 89 7.45 -15.16 -18.26
CA ALA A 89 8.29 -15.92 -17.35
C ALA A 89 8.23 -15.35 -15.94
N ASP A 90 8.46 -16.20 -14.95
CA ASP A 90 8.42 -15.77 -13.55
C ASP A 90 9.42 -14.65 -13.27
N ASN A 91 10.55 -14.66 -13.97
CA ASN A 91 11.53 -13.58 -13.79
C ASN A 91 11.15 -12.29 -14.52
N GLN A 92 9.95 -12.28 -15.11
CA GLN A 92 9.40 -11.07 -15.74
C GLN A 92 8.19 -10.54 -14.96
N TYR A 93 7.96 -11.11 -13.80
CA TYR A 93 6.84 -10.69 -12.96
C TYR A 93 7.33 -10.04 -11.65
N TRP A 94 6.57 -9.06 -11.18
CA TRP A 94 6.97 -8.25 -10.05
C TRP A 94 5.82 -7.98 -9.09
N LEU A 95 6.11 -8.03 -7.80
CA LEU A 95 5.13 -7.67 -6.80
C LEU A 95 5.24 -6.18 -6.54
N LEU A 96 4.14 -5.45 -6.68
CA LEU A 96 4.15 -4.02 -6.39
C LEU A 96 3.62 -3.82 -4.98
N LEU A 97 4.54 -3.51 -4.07
CA LEU A 97 4.20 -3.38 -2.64
C LEU A 97 4.23 -1.92 -2.26
N LYS A 98 3.06 -1.35 -1.99
CA LYS A 98 2.98 0.06 -1.67
C LYS A 98 3.24 0.32 -0.18
N ASP A 99 4.28 1.10 0.08
CA ASP A 99 4.65 1.46 1.44
C ASP A 99 3.71 2.59 1.87
N ILE A 100 2.65 2.22 2.58
CA ILE A 100 1.63 3.19 2.99
C ILE A 100 2.21 4.32 3.84
N GLY A 101 1.76 5.54 3.57
CA GLY A 101 2.28 6.70 4.27
C GLY A 101 3.54 7.27 3.64
N ASN A 102 4.28 6.45 2.89
CA ASN A 102 5.50 6.92 2.24
C ASN A 102 5.25 7.32 0.80
N ASN A 103 4.06 6.99 0.30
CA ASN A 103 3.72 7.12 -1.12
C ASN A 103 4.81 6.59 -2.08
N SER A 104 5.30 5.40 -1.81
CA SER A 104 6.34 4.79 -2.62
C SER A 104 6.10 3.28 -2.71
N PHE A 105 6.79 2.64 -3.64
CA PHE A 105 6.62 1.22 -3.89
C PHE A 105 7.95 0.52 -3.73
N ILE A 106 7.94 -0.63 -3.08
CA ILE A 106 9.02 -1.57 -3.19
C ILE A 106 8.60 -2.53 -4.28
N ILE A 107 9.52 -2.86 -5.18
CA ILE A 107 9.17 -3.68 -6.33
C ILE A 107 9.95 -4.98 -6.24
N ALA A 108 9.27 -6.05 -5.85
CA ALA A 108 9.96 -7.29 -5.52
C ALA A 108 9.83 -8.30 -6.65
N SER A 109 10.89 -9.09 -6.87
CA SER A 109 10.80 -10.11 -7.91
C SER A 109 9.77 -11.17 -7.53
N TYR A 110 8.89 -11.51 -8.46
CA TYR A 110 7.95 -12.60 -8.22
C TYR A 110 8.68 -13.95 -8.20
N LYS A 111 9.69 -14.08 -9.06
CA LYS A 111 10.48 -15.31 -9.11
C LYS A 111 11.13 -15.56 -7.75
N ASN A 112 11.69 -14.51 -7.16
CA ASN A 112 12.31 -14.61 -5.84
C ASN A 112 12.10 -13.33 -5.02
N PRO A 113 11.04 -13.31 -4.21
CA PRO A 113 10.68 -12.10 -3.45
C PRO A 113 11.71 -11.73 -2.37
N ASN A 114 12.71 -12.56 -2.11
CA ASN A 114 13.84 -12.12 -1.27
C ASN A 114 14.51 -10.90 -1.89
N LEU A 115 14.33 -10.72 -3.21
CA LEU A 115 15.06 -9.69 -3.96
C LEU A 115 14.11 -8.61 -4.49
N VAL A 116 14.58 -7.36 -4.43
CA VAL A 116 13.77 -6.21 -4.87
C VAL A 116 14.64 -5.29 -5.71
N LEU A 117 14.00 -4.46 -6.53
CA LEU A 117 14.72 -3.48 -7.33
C LEU A 117 15.44 -2.47 -6.44
N TYR A 118 16.66 -2.15 -6.83
CA TYR A 118 17.53 -1.25 -6.10
C TYR A 118 18.08 -0.24 -7.12
N ALA A 119 17.95 1.05 -6.82
CA ALA A 119 18.42 2.10 -7.73
C ALA A 119 19.86 2.49 -7.44
N ASP A 120 20.73 2.26 -8.42
CA ASP A 120 22.13 2.67 -8.32
C ASP A 120 22.26 4.03 -8.99
N THR A 121 22.09 5.09 -8.21
CA THR A 121 21.99 6.43 -8.76
C THR A 121 23.32 6.95 -9.31
N VAL A 122 24.41 6.28 -8.97
CA VAL A 122 25.72 6.72 -9.47
C VAL A 122 26.13 5.98 -10.74
N ALA A 123 25.72 4.72 -10.87
CA ALA A 123 25.89 4.02 -12.13
C ALA A 123 24.68 4.27 -13.03
N ARG A 124 23.64 4.92 -12.48
CA ARG A 124 22.42 5.21 -13.24
C ARG A 124 21.78 3.94 -13.80
N ASN A 125 21.73 2.87 -13.01
CA ASN A 125 20.98 1.69 -13.43
C ASN A 125 20.33 0.95 -12.28
N LEU A 126 19.70 -0.18 -12.60
CA LEU A 126 18.95 -0.95 -11.61
C LEU A 126 19.64 -2.28 -11.36
N LYS A 127 19.47 -2.80 -10.16
CA LYS A 127 19.95 -4.14 -9.83
C LYS A 127 18.97 -4.72 -8.82
N LEU A 128 19.13 -6.01 -8.51
CA LEU A 128 18.31 -6.61 -7.47
C LEU A 128 19.10 -6.59 -6.18
N SER A 129 18.41 -6.44 -5.07
CA SER A 129 19.09 -6.41 -3.78
C SER A 129 18.17 -6.99 -2.71
N THR A 130 18.76 -7.42 -1.60
CA THR A 130 17.97 -7.79 -0.44
C THR A 130 17.48 -6.49 0.17
N LEU A 131 16.57 -6.56 1.12
CA LEU A 131 15.91 -5.34 1.59
C LEU A 131 16.68 -4.56 2.65
N ASN A 132 16.36 -3.27 2.74
CA ASN A 132 16.93 -2.40 3.76
C ASN A 132 15.94 -1.23 3.96
N ASN A 133 16.32 -0.24 4.76
CA ASN A 133 15.42 0.88 5.04
C ASN A 133 15.75 2.14 4.26
N SER A 134 16.61 2.03 3.25
CA SER A 134 17.00 3.20 2.47
C SER A 134 15.98 3.48 1.38
N ASN A 135 16.07 4.66 0.78
CA ASN A 135 15.21 5.01 -0.33
C ASN A 135 15.65 4.40 -1.65
N TYR A 136 16.80 3.74 -1.68
CA TYR A 136 17.29 3.16 -2.94
C TYR A 136 16.43 1.99 -3.41
N ILE A 137 15.60 1.45 -2.52
CA ILE A 137 14.67 0.39 -2.96
C ILE A 137 13.23 0.87 -3.01
N LYS A 138 13.03 2.18 -2.99
CA LYS A 138 11.68 2.73 -3.03
C LYS A 138 11.50 3.52 -4.30
N PHE A 139 10.35 3.33 -4.94
CA PHE A 139 10.07 3.96 -6.23
C PHE A 139 8.73 4.68 -6.25
N ILE A 140 8.64 5.70 -7.08
CA ILE A 140 7.41 6.47 -7.23
C ILE A 140 6.78 6.03 -8.56
N ILE A 141 5.58 5.48 -8.47
CA ILE A 141 4.88 5.01 -9.65
C ILE A 141 3.71 5.96 -9.87
N GLU A 142 3.67 6.57 -11.06
CA GLU A 142 2.72 7.64 -11.29
C GLU A 142 2.14 7.52 -12.70
N ASP A 143 0.83 7.75 -12.80
CA ASP A 143 0.17 7.91 -14.09
C ASP A 143 1.00 8.84 -14.97
N TYR A 144 1.25 8.43 -16.21
CA TYR A 144 2.24 9.16 -17.02
C TYR A 144 1.80 10.58 -17.37
N ILE A 145 0.48 10.79 -17.46
CA ILE A 145 -0.04 12.15 -17.74
C ILE A 145 0.25 13.07 -16.55
N ILE A 146 -0.07 12.61 -15.34
CA ILE A 146 0.23 13.39 -14.14
C ILE A 146 1.72 13.61 -14.04
N SER A 147 2.48 12.55 -14.27
CA SER A 147 3.93 12.64 -14.22
C SER A 147 4.43 13.71 -15.21
N ASP A 148 3.95 13.66 -16.45
CA ASP A 148 4.41 14.64 -17.44
C ASP A 148 3.92 16.07 -17.14
N LEU A 149 2.72 16.23 -16.58
CA LEU A 149 2.17 17.58 -16.46
C LEU A 149 2.52 18.25 -15.14
N ASN A 150 2.79 17.44 -14.11
CA ASN A 150 2.97 18.01 -12.77
C ASN A 150 4.24 18.85 -12.75
N ASN A 151 4.10 20.12 -12.36
CA ASN A 151 5.20 21.09 -12.34
C ASN A 151 5.79 21.40 -13.70
N PHE A 152 4.97 21.25 -14.74
CA PHE A 152 5.39 21.54 -16.12
C PHE A 152 5.01 22.99 -16.46
N THR A 153 6.00 23.77 -16.90
CA THR A 153 5.75 25.13 -17.37
C THR A 153 5.49 25.06 -18.87
N CYS A 154 4.32 25.55 -19.27
CA CYS A 154 3.89 25.28 -20.62
C CYS A 154 3.23 26.50 -21.19
N LYS A 155 2.97 26.46 -22.50
CA LYS A 155 2.07 27.41 -23.11
C LYS A 155 0.90 26.60 -23.66
N ILE A 156 -0.28 27.23 -23.67
CA ILE A 156 -1.50 26.54 -24.08
C ILE A 156 -2.14 27.17 -25.33
N SER A 157 -2.34 26.35 -26.36
CA SER A 157 -2.85 26.82 -27.66
C SER A 157 -4.10 26.06 -28.11
N PRO A 158 -5.08 26.78 -28.67
CA PRO A 158 -6.22 26.09 -29.30
C PRO A 158 -5.70 25.35 -30.53
N ILE A 159 -6.27 24.19 -30.86
CA ILE A 159 -5.81 23.48 -32.05
C ILE A 159 -6.28 24.17 -33.35
N LEU A 160 -7.16 25.16 -33.22
CA LEU A 160 -7.62 25.95 -34.37
C LEU A 160 -6.57 26.99 -34.80
N ASP A 161 -5.73 27.40 -33.86
CA ASP A 161 -4.59 28.27 -34.18
C ASP A 161 -3.43 28.07 -33.20
N LEU A 162 -2.48 27.25 -33.64
CA LEU A 162 -1.33 26.89 -32.81
C LEU A 162 -0.26 28.00 -32.72
N ASN A 163 -0.50 29.13 -33.37
CA ASN A 163 0.35 30.31 -33.23
C ASN A 163 -0.16 31.25 -32.13
N LYS A 164 -1.36 30.96 -31.64
CA LYS A 164 -1.99 31.78 -30.61
C LYS A 164 -1.98 31.01 -29.29
N VAL A 165 -2.03 31.73 -28.17
CA VAL A 165 -1.97 31.13 -26.85
C VAL A 165 -2.97 31.75 -25.88
N VAL A 166 -3.38 30.96 -24.90
CA VAL A 166 -4.13 31.46 -23.76
C VAL A 166 -3.21 32.32 -22.90
N GLN A 167 -3.61 33.55 -22.62
CA GLN A 167 -2.80 34.43 -21.79
C GLN A 167 -3.60 35.21 -20.76
N GLN A 168 -2.95 35.54 -19.65
CA GLN A 168 -3.41 36.63 -18.80
C GLN A 168 -2.98 37.93 -19.50
N VAL A 169 -3.84 38.94 -19.49
CA VAL A 169 -3.58 40.15 -20.28
C VAL A 169 -2.31 40.90 -19.82
N ASP A 170 -2.20 41.12 -18.50
CA ASP A 170 -0.95 41.59 -17.89
C ASP A 170 -1.05 41.42 -16.37
N VAL A 171 -0.03 41.90 -15.66
CA VAL A 171 0.07 41.67 -14.21
C VAL A 171 -1.12 42.22 -13.39
N THR A 172 -1.80 43.24 -13.92
CA THR A 172 -2.91 43.88 -13.21
C THR A 172 -4.26 43.59 -13.84
N ASN A 173 -4.28 43.28 -15.13
CA ASN A 173 -5.50 42.86 -15.81
C ASN A 173 -5.57 41.32 -15.80
N LEU A 174 -6.45 40.78 -14.96
CA LEU A 174 -6.48 39.35 -14.70
C LEU A 174 -7.31 38.57 -15.72
N ASN A 175 -7.90 39.28 -16.68
CA ASN A 175 -8.66 38.63 -17.74
C ASN A 175 -7.82 37.67 -18.58
N VAL A 176 -8.48 36.70 -19.20
CA VAL A 176 -7.79 35.67 -19.96
C VAL A 176 -8.29 35.65 -21.40
N ASN A 177 -7.39 35.86 -22.35
CA ASN A 177 -7.81 35.90 -23.74
C ASN A 177 -6.84 35.17 -24.67
N LEU A 178 -7.24 35.00 -25.92
CA LEU A 178 -6.37 34.38 -26.91
C LEU A 178 -5.51 35.47 -27.50
N TYR A 179 -4.23 35.18 -27.66
CA TYR A 179 -3.35 36.18 -28.25
C TYR A 179 -2.18 35.53 -28.95
N THR A 180 -1.57 36.30 -29.84
CA THR A 180 -0.41 35.83 -30.58
C THR A 180 0.77 35.58 -29.60
N TRP A 181 1.50 34.51 -29.83
CA TRP A 181 2.56 34.12 -28.91
C TRP A 181 3.76 35.05 -29.04
N ASP A 182 4.15 35.67 -27.92
CA ASP A 182 5.29 36.60 -27.89
C ASP A 182 6.33 36.30 -26.79
N TYR A 183 6.29 35.09 -26.24
CA TYR A 183 7.26 34.61 -25.24
C TYR A 183 7.14 35.31 -23.86
N GLY A 184 6.12 36.14 -23.69
CA GLY A 184 5.88 36.81 -22.41
C GLY A 184 5.45 35.85 -21.31
N ARG A 185 5.82 36.16 -20.07
CA ARG A 185 5.54 35.30 -18.91
C ARG A 185 4.04 35.20 -18.63
N ASN A 186 3.31 36.25 -19.01
CA ASN A 186 1.85 36.25 -18.97
C ASN A 186 1.22 35.18 -19.90
N GLN A 187 2.04 34.62 -20.78
CA GLN A 187 1.59 33.60 -21.72
C GLN A 187 2.07 32.20 -21.34
N LYS A 188 2.70 32.10 -20.17
CA LYS A 188 3.20 30.82 -19.69
C LYS A 188 2.51 30.42 -18.40
N TRP A 189 2.23 29.12 -18.27
CA TRP A 189 1.51 28.60 -17.13
C TRP A 189 2.27 27.42 -16.59
N THR A 190 2.34 27.33 -15.27
CA THR A 190 2.94 26.20 -14.59
C THR A 190 1.84 25.34 -13.98
N ILE A 191 1.77 24.09 -14.40
CA ILE A 191 0.70 23.19 -13.99
C ILE A 191 1.14 22.45 -12.73
N ARG A 192 0.24 22.38 -11.75
CA ARG A 192 0.49 21.67 -10.50
C ARG A 192 -0.64 20.72 -10.24
N TYR A 193 -0.31 19.48 -9.88
CA TYR A 193 -1.34 18.50 -9.54
C TYR A 193 -1.58 18.49 -8.04
N ASN A 194 -2.85 18.55 -7.64
CA ASN A 194 -3.21 18.39 -6.23
C ASN A 194 -3.70 16.96 -5.97
N GLU A 195 -2.94 16.21 -5.16
CA GLU A 195 -3.25 14.80 -4.90
C GLU A 195 -4.56 14.64 -4.15
N GLU A 196 -4.83 15.55 -3.21
CA GLU A 196 -6.06 15.48 -2.41
C GLU A 196 -7.30 15.65 -3.28
N LYS A 197 -7.29 16.67 -4.13
CA LYS A 197 -8.43 16.96 -4.97
C LYS A 197 -8.49 16.10 -6.23
N ALA A 198 -7.38 15.42 -6.52
CA ALA A 198 -7.22 14.70 -7.80
C ALA A 198 -7.53 15.62 -8.98
N ALA A 199 -6.95 16.81 -8.94
CA ALA A 199 -7.16 17.80 -9.99
C ALA A 199 -5.97 18.76 -10.09
N TYR A 200 -5.94 19.58 -11.14
CA TYR A 200 -4.80 20.47 -11.38
C TYR A 200 -5.13 21.96 -11.25
N GLN A 201 -4.12 22.75 -10.95
CA GLN A 201 -4.21 24.20 -11.10
C GLN A 201 -3.21 24.67 -12.14
N PHE A 202 -3.57 25.75 -12.81
CA PHE A 202 -2.70 26.40 -13.80
C PHE A 202 -2.23 27.73 -13.21
N PHE A 203 -0.97 27.79 -12.79
CA PHE A 203 -0.42 29.05 -12.29
C PHE A 203 0.19 29.86 -13.44
N ASN A 204 -0.38 31.02 -13.73
CA ASN A 204 0.26 31.94 -14.66
C ASN A 204 1.62 32.40 -14.12
N THR A 205 2.65 32.42 -14.97
CA THR A 205 3.98 32.72 -14.43
C THR A 205 4.29 34.22 -14.27
N ILE A 206 3.33 35.10 -14.58
CA ILE A 206 3.57 36.52 -14.35
C ILE A 206 3.23 36.90 -12.90
N LEU A 207 2.57 35.97 -12.20
CA LEU A 207 2.21 36.12 -10.80
C LEU A 207 2.75 34.92 -10.01
N SER A 208 2.72 35.00 -8.69
CA SER A 208 3.19 33.90 -7.86
C SER A 208 2.03 32.99 -7.45
N ASN A 209 0.91 33.60 -7.08
CA ASN A 209 -0.27 32.88 -6.60
C ASN A 209 -1.53 33.12 -7.43
N GLY A 210 -1.37 33.29 -8.74
CA GLY A 210 -2.52 33.48 -9.62
C GLY A 210 -2.88 32.25 -10.44
N VAL A 211 -4.06 31.71 -10.21
CA VAL A 211 -4.48 30.47 -10.87
C VAL A 211 -5.67 30.69 -11.82
N LEU A 212 -5.68 29.94 -12.92
CA LEU A 212 -6.80 29.98 -13.87
C LEU A 212 -8.07 29.54 -13.15
N THR A 213 -9.13 30.33 -13.28
CA THR A 213 -10.33 30.13 -12.47
C THR A 213 -11.62 30.38 -13.25
N TRP A 214 -12.60 29.49 -13.07
CA TRP A 214 -13.95 29.75 -13.56
C TRP A 214 -14.69 30.66 -12.58
N ILE A 215 -14.96 31.89 -13.01
CA ILE A 215 -15.76 32.84 -12.23
C ILE A 215 -17.24 32.49 -12.40
N PHE A 216 -17.69 31.50 -11.66
CA PHE A 216 -19.04 30.97 -11.81
C PHE A 216 -20.09 31.97 -11.31
N SER A 217 -19.64 33.03 -10.63
CA SER A 217 -20.55 34.11 -10.24
C SER A 217 -20.78 35.10 -11.39
N ASN A 218 -20.10 34.89 -12.51
CA ASN A 218 -20.42 35.63 -13.74
C ASN A 218 -20.53 34.68 -14.94
N GLY A 219 -21.54 33.81 -14.89
CA GLY A 219 -21.79 32.87 -15.97
C GLY A 219 -20.59 32.02 -16.34
N ASN A 220 -20.13 32.19 -17.58
CA ASN A 220 -19.11 31.32 -18.19
C ASN A 220 -17.70 31.93 -18.20
N THR A 221 -17.55 33.06 -17.52
CA THR A 221 -16.31 33.82 -17.51
C THR A 221 -15.16 33.06 -16.83
N VAL A 222 -13.97 33.05 -17.46
CA VAL A 222 -12.77 32.57 -16.79
C VAL A 222 -11.70 33.65 -16.65
N ARG A 223 -11.12 33.72 -15.46
CA ARG A 223 -10.10 34.72 -15.17
C ARG A 223 -9.03 34.11 -14.27
N VAL A 224 -7.87 34.74 -14.22
CA VAL A 224 -6.90 34.43 -13.18
C VAL A 224 -7.38 35.06 -11.85
N SER A 225 -7.33 34.30 -10.77
CA SER A 225 -7.56 34.83 -9.44
C SER A 225 -6.51 34.24 -8.48
N SER A 226 -6.49 34.70 -7.22
CA SER A 226 -5.50 34.24 -6.26
C SER A 226 -5.79 32.83 -5.74
N SER A 227 -4.73 32.07 -5.44
CA SER A 227 -4.85 30.70 -4.95
C SER A 227 -4.91 30.61 -3.43
N ASN A 228 -4.91 31.77 -2.78
CA ASN A 228 -5.21 31.85 -1.35
C ASN A 228 -6.69 32.15 -1.19
N ASP A 229 -7.47 31.15 -1.59
CA ASP A 229 -8.93 31.16 -1.65
C ASP A 229 -9.24 29.67 -1.72
N GLN A 230 -8.55 28.93 -0.87
CA GLN A 230 -8.30 27.48 -1.00
C GLN A 230 -9.47 26.53 -1.30
N ASN A 231 -10.63 26.72 -0.69
CA ASN A 231 -11.77 25.85 -1.00
C ASN A 231 -12.61 26.34 -2.17
N ASN A 232 -11.94 26.55 -3.29
CA ASN A 232 -12.65 26.89 -4.52
C ASN A 232 -12.31 25.83 -5.58
N ASP A 233 -13.24 24.91 -5.79
CA ASP A 233 -13.10 23.86 -6.77
C ASP A 233 -13.00 24.46 -8.18
N ALA A 234 -13.61 25.63 -8.36
CA ALA A 234 -13.57 26.35 -9.62
C ALA A 234 -12.15 26.73 -10.07
N GLN A 235 -11.20 26.61 -9.14
CA GLN A 235 -9.80 26.91 -9.42
C GLN A 235 -9.06 25.65 -9.88
N TYR A 236 -9.78 24.54 -9.94
CA TYR A 236 -9.14 23.26 -10.21
C TYR A 236 -9.69 22.65 -11.49
N TRP A 237 -8.86 21.86 -12.17
CA TRP A 237 -9.22 21.39 -13.51
C TRP A 237 -8.84 19.92 -13.73
N LEU A 238 -9.62 19.25 -14.57
CA LEU A 238 -9.27 17.91 -15.01
C LEU A 238 -8.65 17.99 -16.41
N ILE A 239 -7.52 17.34 -16.59
CA ILE A 239 -6.86 17.40 -17.89
C ILE A 239 -6.88 16.03 -18.58
N ASN A 240 -7.70 15.93 -19.62
CA ASN A 240 -7.99 14.65 -20.25
C ASN A 240 -7.38 14.57 -21.65
N PRO A 241 -6.48 13.60 -21.85
CA PRO A 241 -5.80 13.47 -23.15
C PRO A 241 -6.79 13.09 -24.25
N VAL A 242 -6.65 13.74 -25.40
CA VAL A 242 -7.40 13.34 -26.59
C VAL A 242 -6.65 12.18 -27.25
N SER A 243 -7.38 11.16 -27.69
CA SER A 243 -6.74 9.97 -28.24
C SER A 243 -5.93 10.24 -29.51
N ASP A 244 -4.88 9.42 -29.72
CA ASP A 244 -3.99 9.50 -30.87
C ASP A 244 -3.12 10.77 -30.94
N THR A 245 -3.20 11.60 -29.91
CA THR A 245 -2.38 12.79 -29.88
C THR A 245 -1.39 12.76 -28.70
N ASP A 246 -0.28 13.45 -28.86
CA ASP A 246 0.73 13.57 -27.80
C ASP A 246 0.55 14.81 -26.93
N GLU A 247 -0.09 15.85 -27.47
CA GLU A 247 -0.11 17.14 -26.79
C GLU A 247 -1.49 17.75 -26.68
N THR A 248 -2.51 17.01 -27.09
CA THR A 248 -3.86 17.58 -27.12
C THR A 248 -4.70 17.12 -25.91
N TYR A 249 -5.40 18.07 -25.30
CA TYR A 249 -6.18 17.78 -24.11
C TYR A 249 -7.50 18.51 -24.14
N THR A 250 -8.50 17.91 -23.50
CA THR A 250 -9.67 18.65 -23.06
C THR A 250 -9.44 19.02 -21.60
N ILE A 251 -9.99 20.15 -21.18
CA ILE A 251 -9.75 20.67 -19.84
C ILE A 251 -11.08 21.04 -19.20
N THR A 252 -11.48 20.29 -18.18
CA THR A 252 -12.80 20.50 -17.57
C THR A 252 -12.70 20.95 -16.12
N ASN A 253 -13.71 21.69 -15.66
CA ASN A 253 -13.64 22.30 -14.35
C ASN A 253 -14.05 21.34 -13.23
N LEU A 254 -13.30 21.36 -12.13
CA LEU A 254 -13.57 20.47 -11.00
C LEU A 254 -14.94 20.71 -10.34
N ARG A 255 -15.40 21.95 -10.34
CA ARG A 255 -16.71 22.29 -9.77
C ARG A 255 -17.82 21.58 -10.53
N ASP A 256 -17.88 21.84 -11.83
CA ASP A 256 -18.81 21.16 -12.73
C ASP A 256 -18.01 20.60 -13.90
N THR A 257 -17.83 19.28 -13.93
CA THR A 257 -17.01 18.64 -14.97
C THR A 257 -17.67 18.62 -16.35
N THR A 258 -18.92 19.08 -16.43
CA THR A 258 -19.61 19.26 -17.71
C THR A 258 -19.16 20.57 -18.37
N LYS A 259 -18.48 21.40 -17.59
CA LYS A 259 -18.02 22.70 -18.05
C LYS A 259 -16.56 22.58 -18.52
N ALA A 260 -16.34 22.87 -19.81
CA ALA A 260 -15.02 22.68 -20.42
C ALA A 260 -14.40 23.99 -20.87
N LEU A 261 -13.08 24.09 -20.74
CA LEU A 261 -12.34 25.24 -21.28
C LEU A 261 -12.66 25.41 -22.77
N ASP A 262 -13.06 26.62 -23.15
CA ASP A 262 -13.75 26.86 -24.42
C ASP A 262 -13.22 28.14 -25.09
N LEU A 263 -12.90 28.03 -26.38
CA LEU A 263 -12.50 29.20 -27.17
C LEU A 263 -13.73 29.78 -27.83
N TYR A 264 -14.10 31.00 -27.44
CA TYR A 264 -15.37 31.63 -27.84
C TYR A 264 -15.64 31.58 -29.33
N GLY A 265 -16.73 30.91 -29.70
CA GLY A 265 -17.16 30.83 -31.08
C GLY A 265 -16.25 30.01 -31.99
N GLY A 266 -15.14 29.51 -31.44
CA GLY A 266 -14.07 28.96 -32.25
C GLY A 266 -13.37 30.07 -33.03
N GLN A 267 -13.53 31.31 -32.55
CA GLN A 267 -12.94 32.48 -33.17
C GLN A 267 -11.46 32.55 -32.80
N THR A 268 -10.62 32.88 -33.79
CA THR A 268 -9.16 32.80 -33.60
C THR A 268 -8.46 34.16 -33.65
N ALA A 269 -9.25 35.24 -33.65
CA ALA A 269 -8.68 36.59 -33.65
C ALA A 269 -8.03 36.92 -32.31
N ASN A 270 -7.01 37.78 -32.33
CA ASN A 270 -6.44 38.32 -31.09
C ASN A 270 -7.53 38.95 -30.20
N GLY A 271 -7.47 38.68 -28.91
CA GLY A 271 -8.43 39.25 -27.97
C GLY A 271 -9.67 38.39 -27.74
N THR A 272 -9.86 37.36 -28.57
CA THR A 272 -10.97 36.42 -28.41
C THR A 272 -11.05 35.86 -26.98
N ALA A 273 -12.25 35.76 -26.43
CA ALA A 273 -12.42 35.33 -25.05
C ALA A 273 -12.14 33.83 -24.82
N ILE A 274 -11.47 33.53 -23.71
CA ILE A 274 -11.39 32.17 -23.22
C ILE A 274 -12.40 32.07 -22.09
N GLN A 275 -13.19 31.01 -22.07
CA GLN A 275 -14.28 30.88 -21.11
C GLN A 275 -14.47 29.41 -20.80
N VAL A 276 -15.52 29.10 -20.05
CA VAL A 276 -15.98 27.71 -19.98
C VAL A 276 -17.31 27.60 -20.69
N PHE A 277 -17.67 26.38 -21.04
CA PHE A 277 -18.90 26.14 -21.79
C PHE A 277 -19.22 24.65 -21.66
N ASN A 278 -20.50 24.30 -21.88
CA ASN A 278 -20.91 22.91 -21.86
C ASN A 278 -20.05 22.06 -22.81
N TYR A 279 -19.57 20.92 -22.33
CA TYR A 279 -18.66 20.08 -23.10
C TYR A 279 -19.36 19.39 -24.26
N HIS A 280 -18.82 19.58 -25.47
CA HIS A 280 -19.28 18.86 -26.65
C HIS A 280 -18.13 18.17 -27.37
N GLY A 281 -16.91 18.51 -26.99
CA GLY A 281 -15.73 17.89 -27.56
C GLY A 281 -15.38 18.36 -28.96
N ASP A 282 -15.91 19.50 -29.38
CA ASP A 282 -15.55 20.05 -30.69
C ASP A 282 -14.16 20.68 -30.62
N ASP A 283 -13.64 21.09 -31.78
CA ASP A 283 -12.26 21.58 -31.87
C ASP A 283 -11.93 22.82 -31.02
N ASN A 284 -12.94 23.64 -30.72
CA ASN A 284 -12.74 24.83 -29.89
C ASN A 284 -12.75 24.52 -28.38
N GLN A 285 -12.79 23.24 -28.03
CA GLN A 285 -12.63 22.81 -26.64
C GLN A 285 -11.41 21.88 -26.51
N LYS A 286 -10.54 21.90 -27.52
CA LYS A 286 -9.31 21.08 -27.52
C LYS A 286 -8.07 21.97 -27.47
N TRP A 287 -7.14 21.61 -26.58
CA TRP A 287 -5.99 22.46 -26.30
C TRP A 287 -4.66 21.70 -26.42
N ASN A 288 -3.70 22.35 -27.07
CA ASN A 288 -2.31 21.85 -27.06
C ASN A 288 -1.51 22.44 -25.92
N ILE A 289 -1.03 21.58 -25.04
CA ILE A 289 -0.19 22.00 -23.93
C ILE A 289 1.23 21.63 -24.34
N ARG A 290 2.10 22.63 -24.40
CA ARG A 290 3.40 22.45 -25.06
C ARG A 290 4.51 23.14 -24.32
N ASN A 291 5.71 22.60 -24.48
CA ASN A 291 6.93 23.32 -24.15
C ASN A 291 6.97 24.69 -24.80
N PRO A 292 7.27 25.73 -24.01
CA PRO A 292 7.67 27.02 -24.55
C PRO A 292 9.02 26.91 -25.29
N PRO A 293 9.06 27.26 -26.58
CA PRO A 293 10.28 27.11 -27.38
C PRO A 293 11.35 28.14 -27.03
N VAL B 4 44.71 -34.97 8.37
CA VAL B 4 45.59 -34.34 7.39
C VAL B 4 44.87 -33.26 6.58
N GLU B 5 45.60 -32.25 6.14
CA GLU B 5 45.00 -31.09 5.49
C GLU B 5 44.63 -31.32 4.03
N ARG B 6 43.39 -31.03 3.70
CA ARG B 6 42.86 -31.27 2.36
C ARG B 6 42.53 -29.97 1.66
N THR B 7 42.55 -28.86 2.41
CA THR B 7 41.98 -27.60 1.91
C THR B 7 42.62 -26.35 2.52
N PHE B 8 42.06 -25.19 2.20
CA PHE B 8 42.63 -23.90 2.60
C PHE B 8 42.28 -23.53 4.05
N LEU B 9 41.50 -24.39 4.71
CA LEU B 9 40.95 -24.09 6.04
C LEU B 9 40.99 -25.33 6.93
N PRO B 10 41.92 -25.37 7.89
CA PRO B 10 42.12 -26.60 8.67
C PRO B 10 40.95 -26.96 9.59
N ASN B 11 40.76 -28.25 9.83
CA ASN B 11 39.77 -28.75 10.78
C ASN B 11 40.08 -28.24 12.19
N GLY B 12 39.03 -28.01 12.98
CA GLY B 12 39.22 -27.63 14.36
C GLY B 12 38.19 -26.63 14.89
N ASN B 13 38.49 -26.08 16.06
CA ASN B 13 37.60 -25.17 16.78
C ASN B 13 37.85 -23.71 16.43
N TYR B 14 36.78 -23.01 16.11
CA TYR B 14 36.86 -21.61 15.69
C TYR B 14 35.86 -20.76 16.48
N ASN B 15 36.20 -19.49 16.66
CA ASN B 15 35.17 -18.48 16.93
C ASN B 15 34.69 -17.98 15.58
N ILE B 16 33.43 -17.53 15.51
CA ILE B 16 32.89 -16.97 14.27
C ILE B 16 32.40 -15.55 14.50
N LYS B 17 32.95 -14.62 13.72
CA LYS B 17 32.66 -13.20 13.88
C LYS B 17 32.22 -12.59 12.56
N SER B 18 31.46 -11.50 12.67
CA SER B 18 31.10 -10.67 11.52
C SER B 18 32.18 -9.61 11.37
N ILE B 19 32.45 -9.19 10.14
CA ILE B 19 33.43 -8.12 9.93
C ILE B 19 32.95 -6.78 10.52
N PHE B 20 31.70 -6.69 10.93
CA PHE B 20 31.19 -5.45 11.52
C PHE B 20 31.66 -5.26 12.97
N SER B 21 32.09 -6.35 13.62
CA SER B 21 32.47 -6.27 15.02
C SER B 21 33.47 -7.35 15.41
N GLY B 22 34.59 -6.93 16.00
CA GLY B 22 35.60 -7.85 16.47
C GLY B 22 35.34 -8.33 17.90
N SER B 23 34.26 -7.83 18.51
CA SER B 23 33.96 -8.16 19.90
C SER B 23 32.61 -8.90 20.02
N LEU B 24 32.04 -9.31 18.89
CA LEU B 24 30.79 -10.07 18.94
C LEU B 24 30.96 -11.47 18.32
N TYR B 25 30.42 -12.46 18.99
CA TYR B 25 30.72 -13.85 18.68
C TYR B 25 29.46 -14.63 18.39
N LEU B 26 29.52 -15.44 17.33
CA LEU B 26 28.39 -16.29 16.95
C LEU B 26 28.04 -17.30 18.03
N ASN B 27 26.77 -17.28 18.47
CA ASN B 27 26.25 -18.34 19.32
C ASN B 27 24.75 -18.51 19.11
N PRO B 28 24.19 -19.66 19.54
CA PRO B 28 22.73 -19.82 19.50
C PRO B 28 22.02 -19.08 20.63
N VAL B 29 20.89 -18.46 20.31
CA VAL B 29 19.99 -17.86 21.30
C VAL B 29 18.58 -18.35 20.93
N SER B 30 17.98 -19.14 21.81
CA SER B 30 16.81 -19.94 21.44
C SER B 30 17.12 -20.73 20.15
N LYS B 31 16.28 -20.65 19.14
CA LYS B 31 16.53 -21.38 17.89
C LYS B 31 17.22 -20.52 16.84
N SER B 32 17.59 -19.30 17.19
CA SER B 32 18.33 -18.47 16.25
C SER B 32 19.82 -18.47 16.53
N LEU B 33 20.57 -17.95 15.57
CA LEU B 33 22.00 -17.75 15.70
C LEU B 33 22.19 -16.24 15.73
N THR B 34 23.05 -15.76 16.63
CA THR B 34 23.29 -14.33 16.72
C THR B 34 24.71 -14.08 17.19
N PHE B 35 25.16 -12.83 17.09
CA PHE B 35 26.49 -12.47 17.54
C PHE B 35 26.39 -11.75 18.88
N SER B 36 27.08 -12.29 19.88
CA SER B 36 26.93 -11.82 21.26
C SER B 36 28.28 -11.48 21.89
N ASN B 37 28.25 -10.76 23.01
CA ASN B 37 29.48 -10.47 23.74
C ASN B 37 30.22 -11.75 24.11
N GLU B 38 31.55 -11.63 24.15
CA GLU B 38 32.41 -12.76 24.44
C GLU B 38 31.99 -13.41 25.76
N SER B 39 31.71 -14.70 25.71
CA SER B 39 31.28 -15.42 26.91
C SER B 39 32.39 -16.33 27.40
N SER B 40 33.40 -16.54 26.56
CA SER B 40 34.49 -17.48 26.82
C SER B 40 34.00 -18.92 27.06
N ALA B 41 32.81 -19.22 26.56
CA ALA B 41 32.16 -20.52 26.76
C ALA B 41 32.12 -21.36 25.48
N ASN B 42 31.69 -22.61 25.62
CA ASN B 42 31.65 -23.55 24.49
C ASN B 42 30.62 -23.23 23.41
N ASN B 43 29.53 -22.56 23.78
CA ASN B 43 28.49 -22.24 22.81
C ASN B 43 28.96 -21.20 21.78
N GLN B 44 30.11 -20.59 22.04
CA GLN B 44 30.73 -19.70 21.07
C GLN B 44 31.89 -20.40 20.35
N LYS B 45 31.98 -21.71 20.53
CA LYS B 45 33.00 -22.51 19.84
C LYS B 45 32.36 -23.40 18.78
N TRP B 46 32.96 -23.39 17.60
CA TRP B 46 32.42 -24.07 16.44
C TRP B 46 33.47 -25.02 15.86
N ASN B 47 33.12 -26.30 15.77
CA ASN B 47 34.02 -27.32 15.25
C ASN B 47 33.85 -27.41 13.73
N VAL B 48 34.88 -27.06 12.98
CA VAL B 48 34.81 -27.07 11.53
C VAL B 48 35.41 -28.38 10.99
N GLU B 49 34.65 -29.09 10.15
CA GLU B 49 35.13 -30.37 9.61
C GLU B 49 34.96 -30.44 8.10
N TYR B 50 36.05 -30.67 7.39
CA TYR B 50 36.01 -30.83 5.93
C TYR B 50 35.43 -32.18 5.54
N MET B 51 34.59 -32.18 4.53
CA MET B 51 34.04 -33.43 3.99
C MET B 51 34.58 -33.63 2.58
N ALA B 52 35.44 -34.63 2.43
CA ALA B 52 36.14 -34.89 1.18
C ALA B 52 35.21 -35.23 0.02
N GLU B 53 34.15 -36.01 0.29
CA GLU B 53 33.28 -36.45 -0.78
C GLU B 53 32.57 -35.29 -1.51
N ASN B 54 32.11 -34.29 -0.75
CA ASN B 54 31.42 -33.13 -1.33
C ASN B 54 32.30 -31.89 -1.43
N ARG B 55 33.51 -31.95 -0.88
CA ARG B 55 34.43 -30.79 -0.84
C ARG B 55 33.81 -29.60 -0.10
N CYS B 56 33.03 -29.90 0.93
CA CYS B 56 32.42 -28.85 1.73
C CYS B 56 32.75 -29.01 3.19
N PHE B 57 32.13 -28.15 4.01
CA PHE B 57 32.42 -28.16 5.44
C PHE B 57 31.14 -28.32 6.23
N LYS B 58 31.22 -29.09 7.30
CA LYS B 58 30.14 -29.09 8.27
C LYS B 58 30.66 -28.49 9.58
N ILE B 59 29.79 -27.76 10.27
CA ILE B 59 30.20 -26.91 11.39
C ILE B 59 29.28 -27.13 12.58
N SER B 60 29.80 -27.80 13.60
CA SER B 60 28.98 -28.14 14.75
C SER B 60 29.33 -27.24 15.93
N ASN B 61 28.38 -27.11 16.85
CA ASN B 61 28.60 -26.30 18.05
C ASN B 61 29.28 -27.15 19.13
N VAL B 62 30.36 -26.62 19.71
CA VAL B 62 31.12 -27.40 20.70
C VAL B 62 30.30 -27.82 21.93
N ALA B 63 29.40 -26.93 22.38
CA ALA B 63 28.53 -27.22 23.52
C ALA B 63 27.44 -28.23 23.14
N GLU B 64 27.13 -28.34 21.85
CA GLU B 64 26.10 -29.26 21.37
C GLU B 64 26.62 -29.92 20.11
N PRO B 65 27.55 -30.88 20.30
CA PRO B 65 28.39 -31.41 19.21
C PRO B 65 27.60 -32.24 18.19
N ASN B 66 26.35 -32.60 18.47
CA ASN B 66 25.57 -33.26 17.43
C ASN B 66 24.58 -32.34 16.70
N LYS B 67 24.69 -31.03 16.97
CA LYS B 67 23.94 -30.02 16.24
C LYS B 67 24.86 -29.25 15.28
N TYR B 68 24.38 -28.95 14.08
CA TYR B 68 25.20 -28.29 13.05
C TYR B 68 24.50 -27.06 12.51
N LEU B 69 25.28 -26.06 12.08
CA LEU B 69 24.72 -24.96 11.32
C LEU B 69 23.99 -25.48 10.08
N SER B 70 22.76 -25.05 9.94
CA SER B 70 21.88 -25.54 8.89
C SER B 70 21.00 -24.34 8.53
N TYR B 71 19.92 -24.56 7.80
CA TYR B 71 18.97 -23.45 7.58
C TYR B 71 17.54 -24.01 7.54
N ASP B 72 16.58 -23.18 7.92
CA ASP B 72 15.18 -23.62 7.95
C ASP B 72 14.42 -23.11 6.72
N ASN B 73 13.09 -23.31 6.70
CA ASN B 73 12.30 -22.87 5.53
C ASN B 73 11.80 -21.45 5.66
N PHE B 74 12.37 -20.69 6.59
CA PHE B 74 11.93 -19.32 6.85
C PHE B 74 13.05 -18.30 6.62
N GLY B 75 14.19 -18.76 6.09
CA GLY B 75 15.29 -17.88 5.75
C GLY B 75 16.31 -17.72 6.87
N PHE B 76 16.11 -18.44 7.97
CA PHE B 76 17.00 -18.35 9.13
C PHE B 76 18.07 -19.43 9.11
N ILE B 77 19.30 -19.07 9.46
CA ILE B 77 20.28 -20.11 9.83
C ILE B 77 19.79 -20.77 11.14
N SER B 78 20.05 -22.07 11.27
CA SER B 78 19.58 -22.80 12.43
C SER B 78 20.64 -23.76 12.94
N LEU B 79 20.37 -24.38 14.09
CA LEU B 79 21.23 -25.42 14.64
C LEU B 79 20.41 -26.71 14.67
N ASP B 80 20.78 -27.70 13.86
CA ASP B 80 19.95 -28.89 13.72
C ASP B 80 20.79 -30.14 13.52
N SER B 81 20.14 -31.30 13.50
CA SER B 81 20.86 -32.54 13.22
C SER B 81 21.35 -32.60 11.77
N LEU B 82 22.29 -33.50 11.50
CA LEU B 82 22.95 -33.56 10.19
C LEU B 82 21.98 -33.84 9.03
N SER B 83 22.21 -33.12 7.93
CA SER B 83 21.40 -33.21 6.71
C SER B 83 22.15 -32.47 5.61
N ASN B 84 21.63 -32.52 4.39
CA ASN B 84 22.26 -31.85 3.23
C ASN B 84 22.35 -30.33 3.41
N ARG B 85 21.52 -29.79 4.30
CA ARG B 85 21.50 -28.36 4.57
C ARG B 85 22.63 -27.92 5.48
N CYS B 86 23.43 -28.88 5.96
CA CYS B 86 24.54 -28.57 6.88
C CYS B 86 25.89 -28.43 6.18
N TYR B 87 25.89 -28.48 4.84
CA TYR B 87 27.13 -28.44 4.08
C TYR B 87 27.39 -27.01 3.59
N TRP B 88 28.56 -26.49 3.94
CA TRP B 88 28.87 -25.09 3.63
C TRP B 88 30.09 -24.96 2.75
N PHE B 89 30.00 -24.07 1.77
CA PHE B 89 31.04 -23.89 0.77
C PHE B 89 31.63 -22.50 0.96
N PRO B 90 32.79 -22.44 1.62
CA PRO B 90 33.37 -21.12 1.88
C PRO B 90 34.12 -20.56 0.68
N ILE B 91 34.17 -19.23 0.61
CA ILE B 91 35.01 -18.53 -0.33
C ILE B 91 35.89 -17.61 0.50
N LYS B 92 37.17 -17.91 0.52
CA LYS B 92 38.13 -17.12 1.29
C LYS B 92 38.45 -15.85 0.52
N ILE B 93 38.19 -14.70 1.13
CA ILE B 93 38.36 -13.44 0.40
C ILE B 93 39.44 -12.57 1.04
N ALA B 94 39.93 -12.99 2.20
CA ALA B 94 40.98 -12.30 2.94
C ALA B 94 41.53 -13.28 3.97
N VAL B 95 42.50 -12.86 4.79
CA VAL B 95 43.28 -13.75 5.69
C VAL B 95 42.51 -14.88 6.42
N ASN B 96 41.43 -14.52 7.11
CA ASN B 96 40.47 -15.50 7.56
C ASN B 96 39.07 -14.90 7.56
N THR B 97 38.78 -14.24 6.44
CA THR B 97 37.48 -13.72 6.10
C THR B 97 36.89 -14.58 4.99
N TYR B 98 35.65 -14.98 5.19
CA TYR B 98 34.99 -15.92 4.29
C TYR B 98 33.57 -15.48 3.95
N ILE B 99 33.15 -15.80 2.74
CA ILE B 99 31.73 -15.82 2.41
C ILE B 99 31.31 -17.30 2.52
N MET B 100 30.22 -17.55 3.25
CA MET B 100 29.76 -18.92 3.46
C MET B 100 28.54 -19.23 2.61
N LEU B 101 28.74 -19.95 1.52
CA LEU B 101 27.63 -20.34 0.68
C LEU B 101 27.05 -21.68 1.14
N SER B 102 25.74 -21.85 0.99
CA SER B 102 25.14 -23.18 1.07
C SER B 102 25.70 -24.03 -0.10
N LEU B 103 26.02 -25.30 0.18
CA LEU B 103 26.45 -26.21 -0.89
C LEU B 103 25.36 -26.29 -1.99
N ASN B 104 24.11 -26.50 -1.56
CA ASN B 104 22.96 -26.57 -2.44
C ASN B 104 22.64 -25.21 -3.07
N LYS B 105 22.30 -25.22 -4.36
CA LYS B 105 21.63 -24.04 -4.93
C LYS B 105 20.27 -23.94 -4.23
N VAL B 106 19.89 -22.71 -3.91
CA VAL B 106 18.59 -22.48 -3.27
C VAL B 106 17.83 -21.53 -4.16
N ASN B 107 16.60 -21.92 -4.53
CA ASN B 107 15.82 -21.16 -5.51
C ASN B 107 16.66 -20.88 -6.74
N GLU B 108 17.42 -21.91 -7.15
CA GLU B 108 18.43 -21.86 -8.21
C GLU B 108 19.40 -20.65 -8.22
N LEU B 109 19.78 -20.22 -7.02
CA LEU B 109 20.80 -19.20 -6.82
C LEU B 109 21.79 -19.70 -5.76
N ASP B 110 22.98 -19.10 -5.71
CA ASP B 110 23.83 -19.21 -4.53
C ASP B 110 23.19 -18.43 -3.35
N TYR B 111 23.14 -19.08 -2.19
CA TYR B 111 22.67 -18.43 -0.98
C TYR B 111 23.79 -18.48 0.06
N ALA B 112 23.89 -17.44 0.88
CA ALA B 112 24.98 -17.34 1.84
C ALA B 112 24.52 -16.79 3.18
N TRP B 113 25.32 -17.03 4.22
CA TRP B 113 25.05 -16.40 5.51
C TRP B 113 24.98 -14.91 5.30
N ASP B 114 24.09 -14.25 6.02
CA ASP B 114 23.93 -12.83 5.83
C ASP B 114 23.48 -12.23 7.14
N ILE B 115 24.21 -11.22 7.60
CA ILE B 115 23.82 -10.55 8.83
C ILE B 115 23.48 -9.09 8.54
N TYR B 116 22.30 -8.65 8.96
CA TYR B 116 21.83 -7.29 8.69
C TYR B 116 22.46 -6.30 9.64
N ASP B 117 22.89 -5.16 9.09
CA ASP B 117 23.51 -4.12 9.90
C ASP B 117 22.70 -2.83 9.81
N THR B 118 22.62 -2.11 10.93
CA THR B 118 22.11 -0.75 10.96
C THR B 118 23.29 0.12 11.32
N ASN B 119 23.87 0.77 10.32
CA ASN B 119 25.12 1.53 10.51
C ASN B 119 26.19 0.71 11.22
N GLU B 120 26.39 -0.52 10.73
CA GLU B 120 27.44 -1.42 11.21
C GLU B 120 27.16 -2.05 12.57
N ASN B 121 25.96 -1.81 13.11
CA ASN B 121 25.53 -2.47 14.32
C ASN B 121 24.67 -3.70 14.01
N ILE B 122 25.10 -4.87 14.50
CA ILE B 122 24.38 -6.11 14.28
C ILE B 122 23.78 -6.71 15.55
N LEU B 123 23.81 -5.96 16.65
CA LEU B 123 23.29 -6.47 17.92
C LEU B 123 21.86 -6.94 17.79
N SER B 124 21.62 -8.17 18.24
CA SER B 124 20.28 -8.78 18.28
C SER B 124 19.76 -9.22 16.91
N GLN B 125 20.56 -9.07 15.85
CA GLN B 125 20.16 -9.58 14.53
C GLN B 125 20.35 -11.10 14.45
N PRO B 126 19.37 -11.80 13.87
CA PRO B 126 19.58 -13.24 13.63
C PRO B 126 20.36 -13.43 12.32
N LEU B 127 21.18 -14.46 12.25
CA LEU B 127 21.88 -14.79 11.03
C LEU B 127 20.89 -15.41 10.04
N LEU B 128 20.82 -14.84 8.83
CA LEU B 128 19.90 -15.32 7.80
C LEU B 128 20.65 -16.01 6.64
N LEU B 129 19.89 -16.64 5.75
CA LEU B 129 20.45 -17.23 4.54
C LEU B 129 19.85 -16.45 3.37
N LEU B 130 20.66 -15.68 2.67
CA LEU B 130 20.11 -14.79 1.64
C LEU B 130 20.92 -14.94 0.35
N PRO B 131 20.37 -14.45 -0.79
CA PRO B 131 21.10 -14.67 -2.05
C PRO B 131 22.47 -14.02 -2.10
N ASN B 132 23.40 -14.68 -2.78
CA ASN B 132 24.74 -14.17 -3.01
C ASN B 132 25.01 -13.97 -4.51
N PHE B 133 25.63 -12.85 -4.86
CA PHE B 133 25.89 -12.54 -6.25
C PHE B 133 27.36 -12.28 -6.52
N ASP B 134 28.13 -12.01 -5.47
CA ASP B 134 29.55 -11.63 -5.61
C ASP B 134 30.27 -11.65 -4.27
N ILE B 135 31.52 -11.19 -4.26
CA ILE B 135 32.32 -11.25 -3.04
C ILE B 135 32.44 -9.91 -2.34
N TYR B 136 31.52 -9.00 -2.63
CA TYR B 136 31.64 -7.63 -2.11
C TYR B 136 30.59 -7.20 -1.08
N ASN B 137 29.68 -8.10 -0.73
CA ASN B 137 28.64 -7.80 0.24
C ASN B 137 29.17 -7.93 1.70
N SER B 138 29.42 -6.81 2.35
CA SER B 138 29.88 -6.78 3.75
C SER B 138 29.02 -7.61 4.70
N ASN B 139 27.72 -7.65 4.43
CA ASN B 139 26.78 -8.39 5.25
C ASN B 139 26.93 -9.90 5.13
N GLN B 140 27.81 -10.33 4.22
CA GLN B 140 28.02 -11.75 3.98
C GLN B 140 29.46 -12.16 4.27
N MET B 141 30.22 -11.25 4.86
CA MET B 141 31.62 -11.53 5.18
C MET B 141 31.77 -11.92 6.66
N PHE B 142 32.42 -13.05 6.91
CA PHE B 142 32.58 -13.54 8.27
C PHE B 142 34.02 -13.96 8.55
N LYS B 143 34.45 -13.71 9.79
CA LYS B 143 35.78 -14.10 10.17
C LYS B 143 35.72 -15.43 10.90
N LEU B 144 36.61 -16.34 10.54
CA LEU B 144 36.75 -17.59 11.29
C LEU B 144 38.09 -17.54 12.02
N GLU B 145 38.03 -17.44 13.34
CA GLU B 145 39.24 -17.34 14.14
C GLU B 145 39.52 -18.64 14.88
N LYS B 146 40.67 -19.24 14.58
CA LYS B 146 41.11 -20.47 15.23
C LYS B 146 41.31 -20.21 16.73
N ILE B 147 40.56 -20.91 17.57
CA ILE B 147 40.62 -20.68 19.02
C ILE B 147 39.95 -21.81 19.79
N SER C 9 -2.88 8.66 6.58
CA SER C 9 -3.99 7.89 6.00
C SER C 9 -4.34 6.72 6.91
N LEU C 10 -3.31 6.02 7.40
CA LEU C 10 -3.52 4.91 8.33
C LEU C 10 -3.22 5.32 9.76
N ASN C 11 -2.46 6.39 9.93
CA ASN C 11 -2.09 6.85 11.27
C ASN C 11 -3.32 6.99 12.18
N ASP C 12 -3.16 6.47 13.39
CA ASP C 12 -4.20 6.47 14.43
C ASP C 12 -5.47 5.73 14.09
N LYS C 13 -5.49 5.00 12.99
CA LYS C 13 -6.64 4.15 12.69
C LYS C 13 -6.63 2.93 13.60
N ILE C 14 -7.82 2.57 14.10
CA ILE C 14 -7.99 1.37 14.91
C ILE C 14 -8.49 0.25 14.01
N VAL C 15 -7.75 -0.86 13.98
CA VAL C 15 -8.00 -1.88 12.99
C VAL C 15 -8.00 -3.26 13.61
N THR C 16 -8.60 -4.23 12.91
CA THR C 16 -8.32 -5.64 13.18
C THR C 16 -7.34 -6.10 12.11
N ILE C 17 -6.59 -7.15 12.41
CA ILE C 17 -5.67 -7.71 11.45
C ILE C 17 -5.95 -9.20 11.36
N SER C 18 -6.29 -9.69 10.18
CA SER C 18 -6.53 -11.12 10.00
C SER C 18 -5.66 -11.74 8.90
N CYS C 19 -5.61 -13.06 8.87
CA CYS C 19 -4.70 -13.80 8.00
C CYS C 19 -5.37 -14.07 6.66
N LYS C 20 -4.65 -13.78 5.58
CA LYS C 20 -5.10 -14.12 4.23
C LYS C 20 -5.18 -15.66 4.09
N ALA C 21 -4.28 -16.37 4.78
CA ALA C 21 -4.30 -17.84 4.75
C ALA C 21 -5.51 -18.44 5.50
N ASP C 22 -6.04 -17.71 6.47
CA ASP C 22 -7.28 -18.11 7.17
C ASP C 22 -8.00 -16.86 7.68
N THR C 23 -9.00 -16.42 6.91
CA THR C 23 -9.64 -15.14 7.18
C THR C 23 -10.48 -15.17 8.44
N ASN C 24 -10.56 -16.33 9.07
CA ASN C 24 -11.23 -16.44 10.37
C ASN C 24 -10.28 -16.29 11.55
N LEU C 25 -9.00 -16.07 11.29
CA LEU C 25 -8.07 -15.87 12.41
C LEU C 25 -7.57 -14.43 12.45
N PHE C 26 -7.61 -13.83 13.63
CA PHE C 26 -7.28 -12.42 13.85
C PHE C 26 -6.12 -12.29 14.86
N PHE C 27 -5.34 -11.20 14.79
CA PHE C 27 -4.33 -10.97 15.83
C PHE C 27 -5.05 -10.70 17.16
N TYR C 28 -4.64 -11.43 18.21
CA TYR C 28 -5.34 -11.43 19.48
C TYR C 28 -4.33 -11.25 20.61
N GLN C 29 -4.64 -10.34 21.53
CA GLN C 29 -3.69 -9.96 22.56
C GLN C 29 -4.30 -10.16 23.94
N VAL C 30 -3.57 -10.84 24.80
CA VAL C 30 -3.87 -10.84 26.23
C VAL C 30 -2.59 -11.03 27.04
N ALA C 31 -2.32 -10.09 27.95
CA ALA C 31 -1.20 -10.17 28.88
C ALA C 31 0.16 -10.42 28.25
N GLY C 32 0.46 -9.72 27.15
CA GLY C 32 1.79 -9.77 26.58
C GLY C 32 1.94 -10.85 25.53
N ASN C 33 0.94 -11.72 25.43
CA ASN C 33 1.01 -12.79 24.43
C ASN C 33 0.10 -12.50 23.24
N VAL C 34 0.64 -12.74 22.05
CA VAL C 34 -0.08 -12.54 20.83
C VAL C 34 -0.39 -13.90 20.23
N SER C 35 -1.63 -14.11 19.82
CA SER C 35 -1.99 -15.34 19.16
C SER C 35 -2.98 -15.08 18.03
N LEU C 36 -3.32 -16.13 17.31
CA LEU C 36 -4.27 -16.02 16.20
C LEU C 36 -5.56 -16.71 16.69
N PHE C 37 -6.67 -15.97 16.67
CA PHE C 37 -7.90 -16.40 17.34
C PHE C 37 -9.12 -16.02 16.51
N GLN C 38 -10.23 -16.74 16.71
CA GLN C 38 -11.47 -16.44 16.00
C GLN C 38 -11.98 -15.02 16.31
N GLN C 39 -12.87 -14.52 15.47
CA GLN C 39 -13.37 -13.16 15.63
C GLN C 39 -14.09 -12.94 16.97
N THR C 40 -13.65 -11.94 17.73
CA THR C 40 -14.25 -11.64 19.05
C THR C 40 -15.10 -10.38 19.02
N ARG C 41 -14.91 -9.54 18.00
CA ARG C 41 -15.56 -8.24 17.93
C ARG C 41 -15.39 -7.41 19.20
N ASN C 42 -14.18 -7.41 19.76
CA ASN C 42 -13.90 -6.61 20.94
C ASN C 42 -12.46 -6.11 20.94
N TYR C 43 -12.08 -5.37 21.96
CA TYR C 43 -10.77 -4.71 21.99
C TYR C 43 -9.56 -5.67 21.99
N LEU C 44 -9.80 -6.94 22.31
CA LEU C 44 -8.69 -7.90 22.37
C LEU C 44 -8.09 -8.15 20.99
N GLU C 45 -8.84 -7.78 19.94
CA GLU C 45 -8.38 -7.98 18.57
C GLU C 45 -8.34 -6.65 17.84
N ARG C 46 -8.30 -5.56 18.60
CA ARG C 46 -8.16 -4.23 18.00
C ARG C 46 -6.79 -3.63 18.25
N TRP C 47 -6.28 -2.93 17.25
CA TRP C 47 -4.95 -2.36 17.30
C TRP C 47 -4.97 -0.97 16.70
N ARG C 48 -4.25 -0.05 17.33
CA ARG C 48 -4.07 1.28 16.77
C ARG C 48 -2.75 1.33 16.01
N LEU C 49 -2.80 1.78 14.75
CA LEU C 49 -1.59 1.95 13.95
C LEU C 49 -1.03 3.33 14.24
N ILE C 50 0.22 3.38 14.71
CA ILE C 50 0.83 4.67 15.04
C ILE C 50 2.02 4.94 14.12
N TYR C 51 1.88 5.98 13.31
CA TYR C 51 2.86 6.27 12.26
C TYR C 51 4.00 7.14 12.78
N ASP C 52 5.23 6.71 12.51
CA ASP C 52 6.40 7.57 12.67
C ASP C 52 6.86 8.00 11.28
N SER C 53 6.68 9.27 10.94
CA SER C 53 6.94 9.74 9.58
C SER C 53 8.41 9.67 9.15
N ASN C 54 9.34 9.79 10.11
CA ASN C 54 10.76 9.78 9.79
C ASN C 54 11.25 8.39 9.45
N LYS C 55 10.65 7.40 10.11
CA LYS C 55 10.95 6.01 9.87
C LYS C 55 10.12 5.43 8.72
N ALA C 56 9.07 6.12 8.34
CA ALA C 56 8.07 5.56 7.42
C ALA C 56 7.63 4.17 7.87
N ALA C 57 7.37 4.04 9.17
CA ALA C 57 6.95 2.76 9.76
C ALA C 57 5.92 2.99 10.86
N TYR C 58 5.31 1.91 11.33
CA TYR C 58 4.20 2.01 12.28
C TYR C 58 4.46 1.22 13.55
N LYS C 59 4.02 1.77 14.67
CA LYS C 59 3.83 0.95 15.85
C LYS C 59 2.44 0.32 15.77
N ILE C 60 2.30 -0.89 16.30
CA ILE C 60 1.02 -1.57 16.27
C ILE C 60 0.59 -1.84 17.69
N LYS C 61 -0.30 -0.98 18.21
CA LYS C 61 -0.58 -0.96 19.65
C LYS C 61 -1.93 -1.58 20.02
N SER C 62 -1.91 -2.51 20.97
CA SER C 62 -3.13 -3.15 21.43
C SER C 62 -4.08 -2.14 22.09
N MET C 63 -5.37 -2.26 21.80
CA MET C 63 -6.38 -1.41 22.43
C MET C 63 -6.85 -2.01 23.76
N ASP C 64 -6.02 -2.86 24.35
CA ASP C 64 -6.32 -3.47 25.64
C ASP C 64 -6.62 -2.41 26.71
N ILE C 65 -7.74 -2.55 27.40
CA ILE C 65 -8.18 -1.57 28.42
C ILE C 65 -7.42 -1.62 29.76
N HIS C 66 -6.85 -2.78 30.09
CA HIS C 66 -6.06 -2.98 31.31
C HIS C 66 -4.63 -2.42 31.19
N ASN C 67 -3.85 -2.91 30.22
CA ASN C 67 -2.57 -2.27 29.88
C ASN C 67 -2.62 -1.58 28.52
N THR C 68 -2.48 -0.26 28.56
CA THR C 68 -2.73 0.58 27.40
C THR C 68 -1.46 0.89 26.61
N ASN C 69 -0.33 0.31 27.05
CA ASN C 69 0.97 0.66 26.48
C ASN C 69 1.71 -0.51 25.81
N LEU C 70 0.97 -1.50 25.31
CA LEU C 70 1.58 -2.69 24.69
C LEU C 70 1.59 -2.60 23.17
N VAL C 71 2.76 -2.86 22.58
CA VAL C 71 2.91 -2.87 21.14
C VAL C 71 3.49 -4.18 20.60
N LEU C 72 3.11 -4.51 19.38
CA LEU C 72 3.62 -5.69 18.71
C LEU C 72 5.14 -5.57 18.60
N THR C 73 5.82 -6.56 19.18
CA THR C 73 7.27 -6.51 19.33
C THR C 73 7.91 -7.80 18.80
N TRP C 74 8.95 -7.66 17.98
CA TRP C 74 9.78 -8.80 17.59
C TRP C 74 10.87 -9.02 18.63
N ASN C 75 10.88 -10.21 19.24
CA ASN C 75 11.90 -10.48 20.25
C ASN C 75 13.23 -10.96 19.62
N ALA C 76 13.80 -10.07 18.80
CA ALA C 76 15.08 -10.32 18.12
C ALA C 76 16.13 -10.79 19.14
N PRO C 77 16.92 -11.82 18.78
CA PRO C 77 16.98 -12.42 17.45
C PRO C 77 16.08 -13.63 17.26
N THR C 78 15.22 -13.96 18.23
CA THR C 78 14.40 -15.17 18.15
C THR C 78 13.30 -15.10 17.08
N HIS C 79 12.61 -16.21 16.83
CA HIS C 79 11.48 -16.23 15.91
C HIS C 79 10.18 -15.75 16.55
N ASN C 80 10.24 -15.27 17.80
CA ASN C 80 9.01 -15.03 18.56
C ASN C 80 8.49 -13.59 18.52
N ILE C 81 7.17 -13.48 18.38
CA ILE C 81 6.51 -12.18 18.33
C ILE C 81 5.66 -12.07 19.56
N SER C 82 5.74 -10.94 20.26
CA SER C 82 4.90 -10.74 21.43
C SER C 82 4.43 -9.29 21.50
N THR C 83 3.72 -8.96 22.58
CA THR C 83 3.46 -7.56 22.91
C THR C 83 4.27 -7.19 24.14
N GLN C 84 5.00 -6.08 24.06
CA GLN C 84 5.84 -5.57 25.14
C GLN C 84 5.50 -4.11 25.36
N GLN C 85 5.91 -3.57 26.49
CA GLN C 85 5.75 -2.15 26.76
C GLN C 85 6.41 -1.29 25.66
N ASP C 86 5.70 -0.27 25.22
CA ASP C 86 6.19 0.66 24.19
C ASP C 86 7.42 1.39 24.71
N SER C 87 8.57 1.18 24.08
CA SER C 87 9.77 1.92 24.42
C SER C 87 10.30 2.57 23.15
N ASN C 88 9.42 2.63 22.15
CA ASN C 88 9.74 3.24 20.86
C ASN C 88 10.98 2.62 20.21
N ALA C 89 11.19 1.33 20.42
CA ALA C 89 12.39 0.66 19.91
C ALA C 89 12.19 0.14 18.48
N ASP C 90 13.30 -0.03 17.76
CA ASP C 90 13.25 -0.47 16.36
C ASP C 90 12.50 -1.79 16.18
N ASN C 91 12.58 -2.70 17.16
CA ASN C 91 11.88 -3.97 17.05
C ASN C 91 10.38 -3.83 17.36
N GLN C 92 9.94 -2.58 17.53
CA GLN C 92 8.52 -2.28 17.74
C GLN C 92 7.95 -1.49 16.55
N TYR C 93 8.72 -1.41 15.48
CA TYR C 93 8.26 -0.74 14.27
C TYR C 93 8.14 -1.69 13.09
N TRP C 94 7.17 -1.40 12.23
CA TRP C 94 6.78 -2.30 11.16
C TRP C 94 6.49 -1.53 9.89
N LEU C 95 6.96 -2.05 8.77
CA LEU C 95 6.62 -1.46 7.48
C LEU C 95 5.31 -2.10 7.04
N LEU C 96 4.33 -1.28 6.68
CA LEU C 96 3.06 -1.81 6.19
C LEU C 96 3.10 -1.69 4.67
N LEU C 97 3.29 -2.83 4.02
CA LEU C 97 3.43 -2.87 2.57
C LEU C 97 2.15 -3.46 1.98
N LYS C 98 1.40 -2.63 1.28
CA LYS C 98 0.15 -3.10 0.68
C LYS C 98 0.42 -3.72 -0.68
N ASP C 99 0.08 -5.00 -0.81
CA ASP C 99 0.23 -5.73 -2.06
C ASP C 99 -0.92 -5.35 -3.00
N ILE C 100 -0.67 -4.39 -3.90
CA ILE C 100 -1.75 -3.87 -4.75
C ILE C 100 -2.32 -4.92 -5.69
N GLY C 101 -3.64 -4.91 -5.83
CA GLY C 101 -4.32 -5.88 -6.68
C GLY C 101 -4.74 -7.10 -5.87
N ASN C 102 -4.00 -7.37 -4.81
CA ASN C 102 -4.27 -8.52 -3.95
C ASN C 102 -5.01 -8.10 -2.71
N ASN C 103 -5.03 -6.79 -2.46
CA ASN C 103 -5.75 -6.23 -1.32
C ASN C 103 -5.33 -6.83 0.04
N SER C 104 -4.04 -7.06 0.21
CA SER C 104 -3.51 -7.54 1.47
C SER C 104 -2.20 -6.82 1.79
N PHE C 105 -1.71 -7.08 3.00
CA PHE C 105 -0.54 -6.41 3.52
C PHE C 105 0.53 -7.38 3.88
N ILE C 106 1.76 -7.04 3.54
CA ILE C 106 2.92 -7.69 4.13
C ILE C 106 3.41 -6.79 5.27
N ILE C 107 3.73 -7.40 6.39
CA ILE C 107 4.15 -6.63 7.56
C ILE C 107 5.62 -6.93 7.91
N ALA C 108 6.51 -6.02 7.50
CA ALA C 108 7.96 -6.23 7.58
C ALA C 108 8.53 -5.55 8.81
N SER C 109 9.51 -6.17 9.44
CA SER C 109 10.14 -5.56 10.62
C SER C 109 10.99 -4.36 10.23
N TYR C 110 10.82 -3.26 10.94
CA TYR C 110 11.69 -2.11 10.72
C TYR C 110 13.11 -2.43 11.12
N LYS C 111 13.30 -3.28 12.13
CA LYS C 111 14.66 -3.59 12.59
C LYS C 111 15.43 -4.44 11.58
N ASN C 112 14.70 -5.27 10.84
CA ASN C 112 15.28 -6.08 9.76
C ASN C 112 14.21 -6.34 8.71
N PRO C 113 14.17 -5.47 7.69
CA PRO C 113 13.11 -5.46 6.67
C PRO C 113 13.13 -6.70 5.78
N ASN C 114 14.17 -7.52 5.86
CA ASN C 114 14.15 -8.82 5.19
C ASN C 114 13.20 -9.79 5.87
N LEU C 115 12.74 -9.45 7.08
CA LEU C 115 11.89 -10.36 7.82
C LEU C 115 10.50 -9.81 7.94
N VAL C 116 9.52 -10.67 7.71
CA VAL C 116 8.12 -10.24 7.74
C VAL C 116 7.30 -11.20 8.60
N LEU C 117 6.15 -10.73 9.06
CA LEU C 117 5.26 -11.55 9.86
C LEU C 117 4.76 -12.75 9.05
N TYR C 118 4.70 -13.88 9.74
CA TYR C 118 4.29 -15.14 9.16
C TYR C 118 3.24 -15.75 10.09
N ALA C 119 2.07 -16.06 9.54
CA ALA C 119 1.00 -16.63 10.33
C ALA C 119 1.18 -18.14 10.48
N ASP C 120 1.55 -18.62 11.67
CA ASP C 120 1.56 -20.06 11.89
C ASP C 120 0.14 -20.46 12.30
N THR C 121 -0.68 -20.84 11.33
CA THR C 121 -2.09 -21.10 11.61
C THR C 121 -2.30 -22.40 12.38
N VAL C 122 -1.36 -23.34 12.28
CA VAL C 122 -1.50 -24.58 13.04
C VAL C 122 -1.19 -24.35 14.52
N ALA C 123 -0.13 -23.59 14.80
CA ALA C 123 0.25 -23.25 16.17
C ALA C 123 -0.57 -22.06 16.70
N ARG C 124 -1.31 -21.40 15.81
CA ARG C 124 -2.12 -20.24 16.17
C ARG C 124 -1.28 -19.11 16.79
N ASN C 125 -0.09 -18.86 16.25
CA ASN C 125 0.69 -17.70 16.65
C ASN C 125 1.48 -17.07 15.48
N LEU C 126 2.32 -16.09 15.79
CA LEU C 126 3.08 -15.40 14.76
C LEU C 126 4.56 -15.75 14.83
N LYS C 127 5.22 -15.81 13.68
CA LYS C 127 6.67 -15.91 13.64
C LYS C 127 7.17 -15.06 12.48
N LEU C 128 8.36 -15.34 11.98
CA LEU C 128 8.94 -14.48 10.95
C LEU C 128 9.43 -15.28 9.79
N SER C 129 9.52 -14.64 8.64
CA SER C 129 10.03 -15.29 7.44
C SER C 129 10.63 -14.23 6.53
N THR C 130 11.57 -14.65 5.70
CA THR C 130 11.99 -13.82 4.59
C THR C 130 10.84 -13.81 3.58
N LEU C 131 10.86 -12.86 2.66
CA LEU C 131 9.75 -12.69 1.72
C LEU C 131 9.59 -13.87 0.75
N ASN C 132 8.34 -14.25 0.51
CA ASN C 132 8.00 -15.29 -0.46
C ASN C 132 6.58 -15.05 -0.99
N ASN C 133 6.06 -15.97 -1.78
CA ASN C 133 4.74 -15.79 -2.37
C ASN C 133 3.59 -16.50 -1.65
N SER C 134 3.80 -16.93 -0.42
CA SER C 134 2.76 -17.69 0.28
C SER C 134 1.75 -16.77 0.94
N ASN C 135 0.55 -17.26 1.14
CA ASN C 135 -0.49 -16.48 1.80
C ASN C 135 -0.20 -16.30 3.28
N TYR C 136 0.72 -17.08 3.83
CA TYR C 136 0.98 -17.03 5.27
C TYR C 136 1.63 -15.73 5.73
N ILE C 137 2.21 -14.98 4.79
CA ILE C 137 2.76 -13.67 5.15
C ILE C 137 1.86 -12.52 4.72
N LYS C 138 0.67 -12.85 4.22
CA LYS C 138 -0.26 -11.79 3.83
C LYS C 138 -1.34 -11.61 4.88
N PHE C 139 -1.76 -10.36 5.07
CA PHE C 139 -2.69 -10.02 6.12
C PHE C 139 -3.71 -9.00 5.67
N ILE C 140 -4.92 -9.13 6.21
CA ILE C 140 -5.99 -8.21 5.91
C ILE C 140 -6.15 -7.23 7.06
N ILE C 141 -5.87 -5.97 6.79
CA ILE C 141 -5.94 -4.92 7.79
C ILE C 141 -7.16 -4.09 7.50
N GLU C 142 -8.05 -3.97 8.48
CA GLU C 142 -9.39 -3.45 8.24
C GLU C 142 -9.83 -2.60 9.43
N ASP C 143 -10.43 -1.45 9.15
CA ASP C 143 -11.04 -0.62 10.18
C ASP C 143 -11.96 -1.48 11.05
N TYR C 144 -11.84 -1.37 12.37
CA TYR C 144 -12.49 -2.34 13.26
C TYR C 144 -14.03 -2.38 13.11
N ILE C 145 -14.64 -1.23 12.83
CA ILE C 145 -16.09 -1.18 12.66
C ILE C 145 -16.56 -2.02 11.47
N ILE C 146 -15.93 -1.79 10.32
CA ILE C 146 -16.15 -2.61 9.12
C ILE C 146 -15.93 -4.08 9.43
N SER C 147 -14.79 -4.40 10.02
CA SER C 147 -14.45 -5.76 10.39
C SER C 147 -15.55 -6.40 11.26
N ASP C 148 -16.03 -5.66 12.26
CA ASP C 148 -17.09 -6.22 13.13
C ASP C 148 -18.44 -6.33 12.41
N LEU C 149 -18.80 -5.31 11.63
CA LEU C 149 -20.14 -5.28 11.04
C LEU C 149 -20.29 -6.08 9.75
N ASN C 150 -19.23 -6.17 8.95
CA ASN C 150 -19.32 -6.85 7.66
C ASN C 150 -19.73 -8.31 7.83
N ASN C 151 -20.81 -8.70 7.15
CA ASN C 151 -21.38 -10.04 7.27
C ASN C 151 -21.89 -10.37 8.68
N PHE C 152 -22.11 -9.35 9.49
CA PHE C 152 -22.67 -9.58 10.82
C PHE C 152 -24.19 -9.66 10.70
N THR C 153 -24.75 -10.74 11.19
CA THR C 153 -26.21 -10.86 11.24
C THR C 153 -26.69 -10.38 12.60
N CYS C 154 -27.49 -9.31 12.59
CA CYS C 154 -27.78 -8.62 13.81
C CYS C 154 -29.25 -8.36 13.99
N LYS C 155 -29.58 -7.72 15.10
CA LYS C 155 -30.88 -7.10 15.26
C LYS C 155 -30.62 -5.66 15.69
N ILE C 156 -31.52 -4.78 15.32
CA ILE C 156 -31.29 -3.35 15.47
C ILE C 156 -32.34 -2.75 16.40
N SER C 157 -31.90 -2.23 17.55
CA SER C 157 -32.82 -1.64 18.52
C SER C 157 -32.54 -0.15 18.75
N PRO C 158 -33.62 0.65 18.85
CA PRO C 158 -33.48 2.04 19.33
C PRO C 158 -33.08 2.01 20.79
N ILE C 159 -32.27 2.97 21.24
CA ILE C 159 -31.78 2.94 22.62
C ILE C 159 -32.88 3.33 23.60
N LEU C 160 -33.95 3.92 23.08
CA LEU C 160 -35.10 4.28 23.89
C LEU C 160 -35.93 3.07 24.35
N ASP C 161 -35.70 1.92 23.72
CA ASP C 161 -36.31 0.65 24.13
C ASP C 161 -35.53 -0.54 23.55
N LEU C 162 -34.68 -1.15 24.38
CA LEU C 162 -33.85 -2.26 23.94
C LEU C 162 -34.63 -3.57 23.89
N ASN C 163 -35.95 -3.48 23.84
CA ASN C 163 -36.81 -4.66 23.79
C ASN C 163 -37.58 -4.73 22.47
N LYS C 164 -37.58 -3.63 21.74
CA LYS C 164 -38.18 -3.61 20.41
C LYS C 164 -37.08 -3.50 19.35
N VAL C 165 -37.41 -3.90 18.13
CA VAL C 165 -36.43 -3.89 17.04
C VAL C 165 -37.04 -3.39 15.73
N VAL C 166 -36.18 -2.94 14.83
CA VAL C 166 -36.57 -2.60 13.47
C VAL C 166 -36.85 -3.87 12.69
N GLN C 167 -38.03 -3.99 12.09
CA GLN C 167 -38.34 -5.18 11.32
C GLN C 167 -38.99 -4.85 9.97
N GLN C 168 -38.86 -5.78 9.02
CA GLN C 168 -39.73 -5.84 7.87
C GLN C 168 -41.03 -6.50 8.35
N VAL C 169 -42.20 -5.98 7.94
CA VAL C 169 -43.48 -6.50 8.46
C VAL C 169 -43.67 -8.00 8.19
N ASP C 170 -43.60 -8.41 6.93
CA ASP C 170 -43.53 -9.84 6.60
C ASP C 170 -43.03 -10.04 5.17
N VAL C 171 -43.05 -11.29 4.71
CA VAL C 171 -42.44 -11.63 3.43
C VAL C 171 -43.17 -10.99 2.24
N THR C 172 -44.40 -10.54 2.47
CA THR C 172 -45.21 -9.91 1.42
C THR C 172 -45.32 -8.39 1.60
N ASN C 173 -45.43 -7.95 2.85
CA ASN C 173 -45.43 -6.52 3.16
C ASN C 173 -44.01 -6.03 3.45
N LEU C 174 -43.47 -5.22 2.54
CA LEU C 174 -42.08 -4.79 2.63
C LEU C 174 -41.90 -3.47 3.38
N ASN C 175 -42.97 -3.02 4.02
CA ASN C 175 -42.91 -1.89 4.95
C ASN C 175 -41.99 -2.18 6.13
N VAL C 176 -41.42 -1.12 6.69
CA VAL C 176 -40.50 -1.28 7.81
C VAL C 176 -40.96 -0.51 9.04
N ASN C 177 -41.12 -1.21 10.15
CA ASN C 177 -41.64 -0.59 11.35
C ASN C 177 -40.91 -1.03 12.62
N LEU C 178 -41.32 -0.46 13.75
CA LEU C 178 -40.85 -0.94 15.03
C LEU C 178 -41.79 -2.03 15.49
N TYR C 179 -41.26 -3.05 16.16
CA TYR C 179 -42.09 -4.10 16.72
C TYR C 179 -41.32 -4.83 17.81
N THR C 180 -42.04 -5.57 18.65
CA THR C 180 -41.42 -6.29 19.75
C THR C 180 -40.61 -7.48 19.25
N TRP C 181 -39.47 -7.72 19.88
CA TRP C 181 -38.56 -8.80 19.50
C TRP C 181 -39.16 -10.18 19.79
N ASP C 182 -39.23 -11.01 18.76
CA ASP C 182 -39.76 -12.38 18.86
C ASP C 182 -38.89 -13.39 18.10
N TYR C 183 -37.66 -12.99 17.78
CA TYR C 183 -36.70 -13.82 17.05
C TYR C 183 -37.12 -14.14 15.60
N GLY C 184 -38.09 -13.43 15.07
CA GLY C 184 -38.48 -13.60 13.67
C GLY C 184 -37.34 -13.29 12.70
N ARG C 185 -37.27 -14.03 11.60
CA ARG C 185 -36.25 -13.75 10.57
C ARG C 185 -36.47 -12.37 9.95
N ASN C 186 -37.69 -11.87 10.01
CA ASN C 186 -37.99 -10.53 9.51
C ASN C 186 -37.47 -9.45 10.46
N GLN C 187 -37.02 -9.87 11.64
CA GLN C 187 -36.48 -8.94 12.62
C GLN C 187 -34.95 -8.96 12.67
N LYS C 188 -34.32 -9.63 11.70
CA LYS C 188 -32.86 -9.68 11.66
C LYS C 188 -32.27 -9.18 10.34
N TRP C 189 -31.11 -8.56 10.44
CA TRP C 189 -30.46 -7.93 9.29
C TRP C 189 -29.03 -8.42 9.14
N THR C 190 -28.66 -8.80 7.92
CA THR C 190 -27.28 -9.17 7.63
C THR C 190 -26.62 -7.96 6.98
N ILE C 191 -25.62 -7.42 7.66
CA ILE C 191 -24.95 -6.21 7.20
C ILE C 191 -23.85 -6.60 6.21
N ARG C 192 -23.82 -5.94 5.07
CA ARG C 192 -22.77 -6.18 4.07
C ARG C 192 -22.12 -4.85 3.69
N TYR C 193 -20.79 -4.84 3.63
CA TYR C 193 -20.06 -3.62 3.31
C TYR C 193 -19.67 -3.60 1.83
N ASN C 194 -19.95 -2.49 1.15
CA ASN C 194 -19.51 -2.30 -0.23
C ASN C 194 -18.23 -1.45 -0.29
N GLU C 195 -17.10 -2.11 -0.56
CA GLU C 195 -15.80 -1.46 -0.59
C GLU C 195 -15.77 -0.34 -1.62
N GLU C 196 -16.37 -0.59 -2.78
CA GLU C 196 -16.42 0.37 -3.87
C GLU C 196 -17.19 1.64 -3.47
N LYS C 197 -18.33 1.43 -2.81
CA LYS C 197 -19.19 2.54 -2.43
C LYS C 197 -18.82 3.10 -1.06
N ALA C 198 -17.92 2.40 -0.36
CA ALA C 198 -17.55 2.73 1.02
C ALA C 198 -18.79 2.93 1.91
N ALA C 199 -19.72 1.99 1.84
CA ALA C 199 -20.98 2.10 2.59
C ALA C 199 -21.57 0.71 2.81
N TYR C 200 -22.65 0.65 3.60
CA TYR C 200 -23.24 -0.62 3.98
C TYR C 200 -24.65 -0.82 3.41
N GLN C 201 -25.05 -2.09 3.29
CA GLN C 201 -26.42 -2.47 3.00
C GLN C 201 -26.94 -3.37 4.13
N PHE C 202 -28.23 -3.28 4.41
CA PHE C 202 -28.85 -4.15 5.40
C PHE C 202 -29.74 -5.17 4.68
N PHE C 203 -29.32 -6.43 4.66
CA PHE C 203 -30.11 -7.49 4.03
C PHE C 203 -31.05 -8.12 5.05
N ASN C 204 -32.35 -8.11 4.76
CA ASN C 204 -33.30 -8.79 5.65
C ASN C 204 -33.20 -10.30 5.42
N THR C 205 -33.23 -11.09 6.50
CA THR C 205 -32.96 -12.51 6.35
C THR C 205 -34.20 -13.34 5.98
N ILE C 206 -35.33 -12.66 5.80
CA ILE C 206 -36.56 -13.30 5.31
C ILE C 206 -36.62 -13.26 3.78
N LEU C 207 -35.77 -12.44 3.18
CA LEU C 207 -35.62 -12.37 1.73
C LEU C 207 -34.23 -12.84 1.30
N SER C 208 -34.02 -13.04 0.00
CA SER C 208 -32.71 -13.40 -0.52
C SER C 208 -31.94 -12.14 -0.86
N ASN C 209 -32.59 -11.25 -1.61
CA ASN C 209 -31.97 -10.04 -2.13
C ASN C 209 -32.73 -8.78 -1.72
N GLY C 210 -33.42 -8.84 -0.59
CA GLY C 210 -34.15 -7.67 -0.11
C GLY C 210 -33.32 -6.82 0.84
N VAL C 211 -33.09 -5.56 0.45
CA VAL C 211 -32.25 -4.67 1.26
C VAL C 211 -33.03 -3.45 1.79
N LEU C 212 -32.55 -2.85 2.88
CA LEU C 212 -33.18 -1.65 3.42
C LEU C 212 -32.86 -0.45 2.53
N THR C 213 -33.90 0.27 2.09
CA THR C 213 -33.74 1.36 1.11
C THR C 213 -34.49 2.63 1.50
N TRP C 214 -33.94 3.78 1.13
CA TRP C 214 -34.68 5.03 1.24
C TRP C 214 -35.49 5.29 -0.05
N ILE C 215 -36.80 5.14 0.06
CA ILE C 215 -37.71 5.51 -1.02
C ILE C 215 -37.93 7.02 -0.96
N PHE C 216 -37.02 7.78 -1.57
CA PHE C 216 -37.13 9.23 -1.57
C PHE C 216 -38.33 9.65 -2.42
N SER C 217 -38.75 8.78 -3.32
CA SER C 217 -39.97 8.98 -4.09
C SER C 217 -41.23 8.62 -3.30
N ASN C 218 -41.15 8.82 -1.99
CA ASN C 218 -42.29 9.06 -1.12
C ASN C 218 -41.76 9.88 0.05
N GLY C 219 -40.83 10.79 -0.25
CA GLY C 219 -40.23 11.67 0.73
C GLY C 219 -39.32 11.01 1.75
N ASN C 220 -39.91 10.60 2.87
CA ASN C 220 -39.16 10.08 4.01
C ASN C 220 -39.31 8.58 4.20
N THR C 221 -39.86 7.91 3.19
CA THR C 221 -40.19 6.49 3.31
C THR C 221 -38.95 5.60 3.26
N VAL C 222 -38.74 4.81 4.31
CA VAL C 222 -37.78 3.71 4.26
C VAL C 222 -38.51 2.36 4.30
N ARG C 223 -37.96 1.41 3.57
CA ARG C 223 -38.66 0.19 3.22
C ARG C 223 -37.67 -0.79 2.63
N VAL C 224 -38.07 -2.04 2.52
CA VAL C 224 -37.23 -3.01 1.83
C VAL C 224 -37.51 -3.00 0.32
N SER C 225 -36.45 -2.96 -0.46
CA SER C 225 -36.56 -3.11 -1.90
C SER C 225 -35.64 -4.24 -2.34
N SER C 226 -35.81 -4.72 -3.56
CA SER C 226 -34.87 -5.68 -4.12
C SER C 226 -33.55 -4.95 -4.40
N SER C 227 -32.44 -5.68 -4.42
CA SER C 227 -31.20 -5.06 -4.88
C SER C 227 -30.99 -5.38 -6.36
N ASN C 228 -32.12 -5.55 -7.05
CA ASN C 228 -32.19 -5.58 -8.51
C ASN C 228 -32.62 -4.20 -9.00
N ASP C 229 -31.78 -3.23 -8.65
CA ASP C 229 -31.86 -1.86 -9.11
C ASP C 229 -30.40 -1.47 -8.95
N GLN C 230 -29.55 -2.21 -9.66
CA GLN C 230 -28.11 -2.34 -9.39
C GLN C 230 -27.38 -1.10 -8.87
N ASN C 231 -27.52 0.02 -9.56
CA ASN C 231 -27.00 1.28 -9.06
C ASN C 231 -28.13 2.08 -8.41
N ASN C 232 -28.11 2.14 -7.08
CA ASN C 232 -29.06 2.97 -6.35
C ASN C 232 -28.50 3.33 -4.99
N ASP C 233 -27.97 4.56 -4.89
CA ASP C 233 -27.27 4.99 -3.69
C ASP C 233 -28.23 5.54 -2.63
N ALA C 234 -29.26 4.75 -2.35
CA ALA C 234 -30.13 4.97 -1.21
C ALA C 234 -30.44 3.59 -0.63
N GLN C 235 -29.91 2.56 -1.28
CA GLN C 235 -29.85 1.20 -0.75
C GLN C 235 -28.59 1.07 0.09
N TYR C 236 -27.94 2.21 0.35
CA TYR C 236 -26.64 2.23 1.02
C TYR C 236 -26.62 3.21 2.19
N TRP C 237 -25.79 2.90 3.17
CA TRP C 237 -25.80 3.62 4.45
C TRP C 237 -24.42 3.72 5.08
N LEU C 238 -24.23 4.77 5.88
CA LEU C 238 -23.03 4.92 6.70
C LEU C 238 -23.37 4.65 8.17
N ILE C 239 -22.47 3.94 8.86
CA ILE C 239 -22.68 3.58 10.25
C ILE C 239 -21.56 4.17 11.12
N ASN C 240 -21.94 4.97 12.11
CA ASN C 240 -20.97 5.75 12.89
C ASN C 240 -21.09 5.50 14.38
N PRO C 241 -20.00 5.05 15.00
CA PRO C 241 -19.97 4.71 16.44
C PRO C 241 -20.22 5.93 17.33
N VAL C 242 -21.30 5.89 18.10
CA VAL C 242 -21.55 6.86 19.16
C VAL C 242 -20.40 6.75 20.16
N SER C 243 -19.84 7.90 20.53
CA SER C 243 -18.61 7.91 21.32
C SER C 243 -18.74 7.24 22.68
N ASP C 244 -17.71 6.47 23.04
CA ASP C 244 -17.61 5.78 24.32
C ASP C 244 -18.79 4.83 24.60
N THR C 245 -19.23 4.12 23.56
CA THR C 245 -20.19 3.04 23.71
C THR C 245 -19.57 1.74 23.19
N ASP C 246 -20.32 0.65 23.24
CA ASP C 246 -19.83 -0.62 22.72
C ASP C 246 -20.60 -1.02 21.46
N GLU C 247 -21.89 -0.70 21.44
CA GLU C 247 -22.77 -1.24 20.42
C GLU C 247 -23.65 -0.17 19.79
N THR C 248 -23.35 1.09 20.07
CA THR C 248 -24.26 2.17 19.71
C THR C 248 -23.78 2.98 18.50
N TYR C 249 -24.69 3.21 17.55
CA TYR C 249 -24.34 3.82 16.27
C TYR C 249 -25.38 4.82 15.77
N THR C 250 -24.97 5.65 14.82
CA THR C 250 -25.90 6.43 14.01
C THR C 250 -25.88 5.87 12.59
N ILE C 251 -27.02 5.91 11.91
CA ILE C 251 -27.12 5.33 10.57
C ILE C 251 -27.62 6.37 9.57
N THR C 252 -26.74 6.77 8.65
CA THR C 252 -27.05 7.83 7.70
C THR C 252 -27.08 7.31 6.25
N ASN C 253 -27.99 7.86 5.44
CA ASN C 253 -28.14 7.39 4.06
C ASN C 253 -27.07 7.94 3.12
N LEU C 254 -26.77 7.20 2.06
CA LEU C 254 -25.68 7.55 1.16
C LEU C 254 -26.05 8.70 0.21
N ARG C 255 -27.33 8.79 -0.15
CA ARG C 255 -27.81 9.85 -1.03
C ARG C 255 -27.69 11.21 -0.35
N ASP C 256 -28.46 11.39 0.73
CA ASP C 256 -28.31 12.56 1.57
C ASP C 256 -27.72 12.08 2.89
N THR C 257 -26.52 12.53 3.21
CA THR C 257 -25.81 12.03 4.38
C THR C 257 -26.20 12.75 5.66
N THR C 258 -27.14 13.68 5.56
CA THR C 258 -27.75 14.28 6.74
C THR C 258 -29.09 13.62 7.00
N LYS C 259 -29.52 12.78 6.07
CA LYS C 259 -30.73 11.99 6.26
C LYS C 259 -30.44 10.73 7.08
N ALA C 260 -30.41 10.90 8.41
CA ALA C 260 -30.19 9.81 9.34
C ALA C 260 -31.45 8.96 9.49
N LEU C 261 -31.27 7.70 9.93
CA LEU C 261 -32.39 6.78 10.13
C LEU C 261 -33.12 7.12 11.43
N ASP C 262 -34.44 7.14 11.38
CA ASP C 262 -35.22 7.82 12.40
C ASP C 262 -36.45 7.05 12.90
N LEU C 263 -36.56 6.92 14.22
CA LEU C 263 -37.75 6.37 14.87
C LEU C 263 -38.77 7.49 15.06
N TYR C 264 -39.97 7.32 14.49
CA TYR C 264 -40.98 8.38 14.43
C TYR C 264 -41.32 8.98 15.80
N GLY C 265 -41.03 10.27 15.96
CA GLY C 265 -41.37 10.98 17.18
C GLY C 265 -40.55 10.59 18.41
N GLY C 266 -40.12 9.34 18.48
CA GLY C 266 -39.50 8.81 19.67
C GLY C 266 -40.46 7.80 20.28
N GLN C 267 -41.46 7.45 19.48
CA GLN C 267 -42.54 6.56 19.89
C GLN C 267 -42.09 5.12 20.02
N THR C 268 -41.96 4.67 21.26
CA THR C 268 -41.42 3.35 21.57
C THR C 268 -42.48 2.23 21.55
N ALA C 269 -43.56 2.43 20.80
CA ALA C 269 -44.66 1.45 20.75
C ALA C 269 -44.72 0.64 19.45
N ASN C 270 -45.40 -0.52 19.51
CA ASN C 270 -45.51 -1.43 18.37
C ASN C 270 -46.14 -0.81 17.10
N GLY C 271 -45.43 -0.94 15.98
CA GLY C 271 -45.94 -0.47 14.70
C GLY C 271 -45.54 0.96 14.36
N THR C 272 -44.84 1.62 15.28
CA THR C 272 -44.25 2.93 15.00
C THR C 272 -43.37 2.85 13.75
N ALA C 273 -43.69 3.63 12.73
CA ALA C 273 -43.02 3.52 11.44
C ALA C 273 -41.55 3.95 11.50
N ILE C 274 -40.75 3.40 10.60
CA ILE C 274 -39.31 3.68 10.54
C ILE C 274 -39.00 4.51 9.30
N GLN C 275 -38.26 5.60 9.49
CA GLN C 275 -38.08 6.59 8.43
C GLN C 275 -36.68 7.20 8.46
N VAL C 276 -36.40 8.04 7.47
CA VAL C 276 -35.23 8.91 7.51
C VAL C 276 -35.63 10.21 8.17
N PHE C 277 -34.64 10.94 8.69
CA PHE C 277 -34.88 12.30 9.09
C PHE C 277 -33.59 13.08 9.04
N ASN C 278 -33.72 14.40 8.86
CA ASN C 278 -32.57 15.28 8.94
C ASN C 278 -31.85 15.07 10.28
N TYR C 279 -30.53 14.89 10.23
CA TYR C 279 -29.76 14.52 11.40
C TYR C 279 -29.75 15.62 12.45
N HIS C 280 -30.20 15.28 13.66
CA HIS C 280 -30.22 16.23 14.76
C HIS C 280 -29.55 15.66 16.00
N GLY C 281 -28.65 14.71 15.79
CA GLY C 281 -27.93 14.08 16.89
C GLY C 281 -28.75 13.31 17.91
N ASP C 282 -30.08 13.32 17.78
CA ASP C 282 -30.96 12.89 18.87
C ASP C 282 -31.21 11.39 19.02
N ASP C 283 -31.85 11.04 20.13
CA ASP C 283 -31.99 9.66 20.59
C ASP C 283 -32.87 8.76 19.74
N ASN C 284 -33.78 9.34 18.96
CA ASN C 284 -34.59 8.55 18.04
C ASN C 284 -33.87 8.38 16.69
N GLN C 285 -32.58 8.69 16.68
CA GLN C 285 -31.71 8.50 15.52
C GLN C 285 -30.48 7.69 15.95
N LYS C 286 -30.43 7.35 17.24
CA LYS C 286 -29.40 6.46 17.78
C LYS C 286 -29.89 5.02 17.79
N TRP C 287 -28.97 4.08 17.61
CA TRP C 287 -29.35 2.68 17.49
C TRP C 287 -28.32 1.73 18.12
N ASN C 288 -28.81 0.60 18.62
CA ASN C 288 -27.94 -0.47 19.11
C ASN C 288 -27.97 -1.65 18.17
N ILE C 289 -26.79 -2.06 17.72
CA ILE C 289 -26.67 -3.18 16.81
C ILE C 289 -26.05 -4.35 17.56
N ARG C 290 -26.79 -5.44 17.67
CA ARG C 290 -26.40 -6.54 18.55
C ARG C 290 -26.46 -7.90 17.86
N ASN C 291 -25.74 -8.86 18.43
CA ASN C 291 -25.95 -10.26 18.12
C ASN C 291 -27.33 -10.65 18.66
N PRO C 292 -28.15 -11.29 17.82
CA PRO C 292 -29.43 -11.82 18.31
C PRO C 292 -29.18 -13.00 19.27
N PRO C 293 -29.70 -12.92 20.51
CA PRO C 293 -29.44 -13.91 21.57
C PRO C 293 -30.22 -15.20 21.39
#